data_2G0E
#
_entry.id   2G0E
#
_cell.length_a   170.470
_cell.length_b   170.470
_cell.length_c   94.050
_cell.angle_alpha   90.00
_cell.angle_beta   90.00
_cell.angle_gamma   90.00
#
_symmetry.space_group_name_H-M   'P 42 21 2'
#
loop_
_entity.id
_entity.type
_entity.pdbx_description
1 polymer 'HTH-type transcriptional regulator qacR'
2 non-polymer 'SULFATE ION'
3 non-polymer "3-[C-[N'-(3-CARBAMIMIDOYL-BENZYLIDENIUM)-HYDRAZINO]-[[AMINOMETHYLIDENE]AMINIUM]-IMINOMETHYL]-BENZAMIDINIUM"
4 water water
#
_entity_poly.entity_id   1
_entity_poly.type   'polypeptide(L)'
_entity_poly.pdbx_seq_one_letter_code
;MNLKDKILGVAKELFIKNGYNATTTGEIVKLSESSKGNLYYHFKTKENLFLEILNIEESKWQEQWKKEQIKAKTNREKFY
LYNELSLTTEYYYPLQNAIIEFYTEYYKTNSINEKMNKLENKYIDAYHVIFKEGNLNGEWSINDVNAVSKIAANAVNGIV
TFTHEQNINERIKLMNKFSQIFLNGLSK
;
_entity_poly.pdbx_strand_id   A,B,D,E
#
# COMPACT_ATOMS: atom_id res chain seq x y z
N ASN A 2 23.65 -34.97 30.78
CA ASN A 2 22.28 -35.43 31.20
C ASN A 2 21.46 -35.60 29.92
N LEU A 3 20.16 -35.90 30.07
CA LEU A 3 19.28 -36.05 28.91
C LEU A 3 18.09 -35.10 29.04
N LYS A 4 17.31 -35.30 30.10
CA LYS A 4 16.17 -34.45 30.37
C LYS A 4 16.66 -33.01 30.46
N ASP A 5 17.95 -32.85 30.75
CA ASP A 5 18.56 -31.54 30.85
C ASP A 5 19.16 -31.09 29.52
N LYS A 6 19.22 -32.01 28.56
CA LYS A 6 19.74 -31.67 27.23
C LYS A 6 18.55 -31.17 26.41
N ILE A 7 17.37 -31.64 26.80
CA ILE A 7 16.14 -31.23 26.16
C ILE A 7 15.92 -29.79 26.60
N LEU A 8 15.84 -29.60 27.91
CA LEU A 8 15.67 -28.27 28.49
C LEU A 8 16.65 -27.29 27.84
N GLY A 9 17.83 -27.78 27.52
CA GLY A 9 18.85 -26.94 26.92
C GLY A 9 18.56 -26.54 25.49
N VAL A 10 18.26 -27.51 24.63
CA VAL A 10 17.95 -27.21 23.23
C VAL A 10 16.71 -26.33 23.14
N ALA A 11 15.66 -26.76 23.83
CA ALA A 11 14.40 -26.02 23.87
C ALA A 11 14.69 -24.55 24.15
N LYS A 12 15.21 -24.27 25.34
CA LYS A 12 15.55 -22.90 25.73
C LYS A 12 16.19 -22.16 24.56
N GLU A 13 17.12 -22.83 23.86
CA GLU A 13 17.82 -22.23 22.73
C GLU A 13 16.87 -21.87 21.61
N LEU A 14 15.97 -22.78 21.29
CA LEU A 14 15.00 -22.56 20.23
C LEU A 14 13.87 -21.64 20.63
N PHE A 15 13.56 -21.56 21.91
CA PHE A 15 12.49 -20.68 22.37
C PHE A 15 12.93 -19.23 22.33
N ILE A 16 14.23 -19.00 22.50
CA ILE A 16 14.77 -17.65 22.48
C ILE A 16 14.92 -17.18 21.04
N LYS A 17 15.66 -17.96 20.24
CA LYS A 17 15.87 -17.63 18.84
C LYS A 17 14.50 -17.41 18.16
N ASN A 18 13.69 -18.48 18.07
CA ASN A 18 12.37 -18.40 17.46
C ASN A 18 11.32 -18.19 18.55
N GLY A 19 10.06 -18.09 18.16
CA GLY A 19 9.03 -17.89 19.16
C GLY A 19 8.63 -19.15 19.91
N TYR A 20 7.48 -19.09 20.57
CA TYR A 20 6.94 -20.22 21.31
C TYR A 20 6.16 -21.11 20.36
N ASN A 21 5.32 -20.48 19.53
CA ASN A 21 4.50 -21.19 18.55
C ASN A 21 5.39 -21.68 17.42
N ALA A 22 6.43 -20.91 17.11
CA ALA A 22 7.36 -21.27 16.06
C ALA A 22 7.93 -22.66 16.30
N THR A 23 8.93 -22.76 17.20
CA THR A 23 9.55 -24.05 17.51
C THR A 23 8.53 -25.07 18.01
N THR A 24 8.59 -26.27 17.46
CA THR A 24 7.68 -27.33 17.83
C THR A 24 8.40 -28.52 18.45
N THR A 25 7.67 -29.33 19.22
CA THR A 25 8.23 -30.50 19.88
C THR A 25 8.93 -31.44 18.90
N GLY A 26 8.74 -31.19 17.61
CA GLY A 26 9.38 -32.02 16.62
C GLY A 26 10.86 -31.68 16.60
N GLU A 27 11.17 -30.38 16.56
CA GLU A 27 12.55 -29.91 16.54
C GLU A 27 13.28 -30.34 17.81
N ILE A 28 12.81 -29.85 18.95
CA ILE A 28 13.41 -30.16 20.25
C ILE A 28 13.90 -31.61 20.29
N VAL A 29 13.00 -32.54 20.00
CA VAL A 29 13.33 -33.95 20.02
C VAL A 29 14.54 -34.29 19.15
N LYS A 30 14.34 -34.36 17.83
CA LYS A 30 15.43 -34.70 16.91
C LYS A 30 16.72 -33.90 17.11
N LEU A 31 16.61 -32.65 17.53
CA LEU A 31 17.79 -31.81 17.73
C LEU A 31 18.59 -32.19 18.98
N SER A 32 18.04 -33.13 19.75
CA SER A 32 18.69 -33.63 20.95
C SER A 32 19.00 -35.11 20.75
N GLU A 33 19.00 -35.52 19.48
CA GLU A 33 19.26 -36.91 19.10
C GLU A 33 18.38 -37.88 19.88
N SER A 34 17.27 -37.38 20.40
CA SER A 34 16.35 -38.21 21.17
C SER A 34 15.14 -38.62 20.33
N SER A 35 14.13 -39.17 21.00
CA SER A 35 12.93 -39.61 20.32
C SER A 35 11.71 -38.95 20.96
N LYS A 36 10.60 -38.94 20.21
CA LYS A 36 9.36 -38.34 20.66
C LYS A 36 8.78 -38.99 21.93
N GLY A 37 8.71 -40.32 21.94
CA GLY A 37 8.18 -41.01 23.09
C GLY A 37 8.99 -40.83 24.37
N ASN A 38 10.01 -39.97 24.30
CA ASN A 38 10.87 -39.69 25.45
C ASN A 38 10.36 -38.53 26.30
N LEU A 39 9.09 -38.16 26.12
CA LEU A 39 8.54 -37.06 26.89
C LEU A 39 7.26 -37.46 27.60
N TYR A 40 7.30 -37.47 28.93
CA TYR A 40 6.12 -37.82 29.72
C TYR A 40 6.14 -37.26 31.15
N TYR A 41 6.65 -38.05 32.10
CA TYR A 41 6.69 -37.66 33.52
C TYR A 41 7.38 -36.31 33.74
N HIS A 42 8.27 -35.94 32.82
CA HIS A 42 8.98 -34.66 32.90
C HIS A 42 8.42 -33.65 31.92
N PHE A 43 8.33 -34.02 30.65
CA PHE A 43 7.82 -33.11 29.62
C PHE A 43 6.78 -33.71 28.69
N LYS A 44 5.55 -33.89 29.16
CA LYS A 44 4.50 -34.44 28.32
C LYS A 44 4.08 -33.42 27.27
N THR A 45 3.56 -32.29 27.74
CA THR A 45 3.10 -31.21 26.85
C THR A 45 4.15 -30.13 26.64
N LYS A 46 4.09 -29.51 25.47
CA LYS A 46 5.02 -28.45 25.12
C LYS A 46 4.89 -27.26 26.07
N GLU A 47 3.69 -26.97 26.55
CA GLU A 47 3.52 -25.84 27.46
C GLU A 47 4.14 -26.17 28.81
N ASN A 48 4.18 -27.46 29.13
CA ASN A 48 4.75 -27.91 30.40
C ASN A 48 6.25 -27.72 30.29
N LEU A 49 6.81 -28.17 29.18
CA LEU A 49 8.23 -28.04 28.90
C LEU A 49 8.63 -26.57 29.01
N PHE A 50 7.94 -25.71 28.26
CA PHE A 50 8.25 -24.30 28.27
C PHE A 50 8.12 -23.72 29.67
N LEU A 51 6.95 -23.87 30.28
CA LEU A 51 6.70 -23.36 31.63
C LEU A 51 7.75 -23.82 32.64
N GLU A 52 8.40 -24.94 32.34
CA GLU A 52 9.43 -25.48 33.22
C GLU A 52 10.69 -24.61 33.04
N ILE A 53 11.06 -24.37 31.79
CA ILE A 53 12.23 -23.54 31.49
C ILE A 53 12.08 -22.15 32.10
N LEU A 54 10.90 -21.55 32.00
CA LEU A 54 10.69 -20.24 32.59
C LEU A 54 10.95 -20.30 34.07
N ASN A 55 10.58 -21.43 34.66
CA ASN A 55 10.77 -21.63 36.09
C ASN A 55 12.26 -21.69 36.45
N ILE A 56 13.02 -22.41 35.63
CA ILE A 56 14.48 -22.54 35.81
C ILE A 56 15.12 -21.15 35.71
N GLU A 57 15.10 -20.58 34.51
CA GLU A 57 15.68 -19.28 34.25
C GLU A 57 15.26 -18.28 35.32
N GLU A 58 14.05 -18.44 35.85
CA GLU A 58 13.58 -17.53 36.89
C GLU A 58 14.44 -17.76 38.13
N SER A 59 14.78 -19.03 38.37
CA SER A 59 15.63 -19.40 39.51
C SER A 59 17.01 -18.83 39.29
N LYS A 60 17.63 -19.21 38.19
CA LYS A 60 18.96 -18.74 37.87
C LYS A 60 19.06 -17.22 38.01
N TRP A 61 18.10 -16.48 37.47
CA TRP A 61 18.13 -15.03 37.55
C TRP A 61 18.03 -14.46 38.98
N GLN A 62 17.10 -14.96 39.79
CA GLN A 62 16.97 -14.45 41.17
C GLN A 62 18.17 -14.91 42.03
N GLU A 63 18.73 -16.05 41.64
CA GLU A 63 19.90 -16.62 42.30
C GLU A 63 21.06 -15.66 42.00
N GLN A 64 21.25 -15.34 40.72
CA GLN A 64 22.30 -14.43 40.31
C GLN A 64 22.15 -13.06 40.92
N TRP A 65 20.91 -12.62 41.13
CA TRP A 65 20.68 -11.30 41.71
C TRP A 65 21.06 -11.29 43.17
N LYS A 66 20.98 -12.46 43.81
CA LYS A 66 21.33 -12.57 45.22
C LYS A 66 22.85 -12.46 45.38
N LYS A 67 23.56 -13.12 44.47
CA LYS A 67 25.02 -13.09 44.45
C LYS A 67 25.57 -11.76 43.94
N GLU A 68 24.72 -10.87 43.44
CA GLU A 68 25.20 -9.61 42.94
C GLU A 68 24.55 -8.38 43.55
N GLN A 69 23.48 -8.54 44.31
CA GLN A 69 22.83 -7.36 44.88
C GLN A 69 23.61 -6.79 46.06
N ILE A 70 24.74 -7.43 46.37
CA ILE A 70 25.58 -7.00 47.48
C ILE A 70 26.32 -5.70 47.15
N LYS A 71 26.69 -5.54 45.88
CA LYS A 71 27.40 -4.35 45.44
C LYS A 71 26.63 -3.05 45.74
N ALA A 72 25.38 -3.18 46.19
CA ALA A 72 24.58 -2.00 46.50
C ALA A 72 24.11 -1.91 47.96
N LYS A 73 24.50 -0.84 48.64
CA LYS A 73 24.18 -0.62 50.05
C LYS A 73 22.76 -0.11 50.33
N THR A 74 22.37 1.00 49.71
CA THR A 74 21.02 1.54 49.93
C THR A 74 20.09 0.78 48.99
N ASN A 75 18.79 0.74 49.29
CA ASN A 75 17.89 0.05 48.39
C ASN A 75 17.69 0.87 47.13
N ARG A 76 17.90 2.18 47.24
CA ARG A 76 17.79 3.05 46.07
C ARG A 76 18.80 2.52 45.04
N GLU A 77 19.96 2.12 45.52
CA GLU A 77 21.02 1.58 44.68
C GLU A 77 20.57 0.20 44.23
N LYS A 78 19.90 -0.53 45.12
CA LYS A 78 19.45 -1.87 44.76
C LYS A 78 18.54 -1.82 43.54
N PHE A 79 17.71 -0.76 43.48
CA PHE A 79 16.77 -0.54 42.38
C PHE A 79 17.55 -0.34 41.08
N TYR A 80 18.49 0.62 41.07
CA TYR A 80 19.32 0.92 39.90
C TYR A 80 20.04 -0.31 39.39
N LEU A 81 20.69 -1.00 40.31
CA LEU A 81 21.46 -2.19 39.97
C LEU A 81 20.65 -3.35 39.43
N TYR A 82 19.41 -3.52 39.89
CA TYR A 82 18.56 -4.62 39.42
C TYR A 82 18.16 -4.39 37.97
N ASN A 83 17.90 -3.14 37.63
CA ASN A 83 17.49 -2.76 36.29
C ASN A 83 18.61 -2.83 35.27
N GLU A 84 19.78 -2.30 35.65
CA GLU A 84 20.96 -2.30 34.79
C GLU A 84 21.31 -3.74 34.48
N LEU A 85 21.33 -4.56 35.52
CA LEU A 85 21.66 -5.97 35.38
C LEU A 85 20.72 -6.72 34.45
N SER A 86 19.43 -6.38 34.52
CA SER A 86 18.41 -7.00 33.67
C SER A 86 18.82 -6.96 32.20
N LEU A 87 19.42 -5.83 31.83
CA LEU A 87 19.88 -5.62 30.47
C LEU A 87 21.04 -6.54 30.11
N THR A 88 21.90 -6.90 31.08
CA THR A 88 23.06 -7.74 30.75
C THR A 88 22.99 -9.23 31.05
N THR A 89 22.07 -9.65 31.92
CA THR A 89 21.90 -11.07 32.28
C THR A 89 21.85 -12.01 31.07
N GLU A 90 21.48 -13.25 31.31
CA GLU A 90 21.35 -14.25 30.24
C GLU A 90 20.20 -15.13 30.67
N TYR A 91 19.57 -14.72 31.76
CA TYR A 91 18.47 -15.45 32.32
C TYR A 91 17.12 -14.74 32.21
N TYR A 92 16.07 -15.54 32.05
CA TYR A 92 14.68 -15.07 31.99
C TYR A 92 14.38 -14.01 30.93
N TYR A 93 15.06 -12.87 31.02
CA TYR A 93 14.86 -11.78 30.06
C TYR A 93 15.04 -12.10 28.58
N PRO A 94 15.96 -13.02 28.23
CA PRO A 94 16.12 -13.33 26.82
C PRO A 94 14.94 -14.16 26.33
N LEU A 95 14.00 -14.40 27.23
CA LEU A 95 12.82 -15.19 26.90
C LEU A 95 11.52 -14.39 26.89
N GLN A 96 11.59 -13.10 27.20
CA GLN A 96 10.38 -12.28 27.23
C GLN A 96 9.58 -12.33 25.93
N ASN A 97 10.25 -12.38 24.78
CA ASN A 97 9.51 -12.45 23.52
C ASN A 97 8.70 -13.75 23.41
N ALA A 98 9.33 -14.88 23.70
CA ALA A 98 8.63 -16.17 23.65
C ALA A 98 7.51 -16.23 24.68
N ILE A 99 7.68 -15.52 25.77
CA ILE A 99 6.69 -15.49 26.83
C ILE A 99 5.43 -14.75 26.39
N ILE A 100 5.59 -13.62 25.69
CA ILE A 100 4.46 -12.82 25.24
C ILE A 100 3.53 -13.59 24.29
N GLU A 101 4.10 -14.40 23.42
CA GLU A 101 3.30 -15.20 22.50
C GLU A 101 2.51 -16.17 23.36
N PHE A 102 3.23 -16.91 24.18
CA PHE A 102 2.64 -17.89 25.07
C PHE A 102 1.50 -17.31 25.89
N TYR A 103 1.69 -16.13 26.46
CA TYR A 103 0.63 -15.52 27.26
C TYR A 103 -0.64 -15.26 26.46
N THR A 104 -0.50 -15.00 25.16
CA THR A 104 -1.66 -14.74 24.33
C THR A 104 -2.22 -16.06 23.79
N GLU A 105 -1.48 -16.68 22.88
CA GLU A 105 -1.88 -17.95 22.27
C GLU A 105 -2.55 -18.90 23.26
N TYR A 106 -2.03 -18.97 24.48
CA TYR A 106 -2.61 -19.84 25.50
C TYR A 106 -3.12 -18.98 26.66
N TYR A 107 -4.32 -18.45 26.49
CA TYR A 107 -4.93 -17.62 27.51
C TYR A 107 -6.29 -18.22 27.85
N LYS A 108 -6.62 -19.32 27.17
CA LYS A 108 -7.90 -20.01 27.36
C LYS A 108 -7.73 -21.39 28.02
N THR A 109 -6.68 -21.55 28.82
CA THR A 109 -6.44 -22.80 29.51
C THR A 109 -6.33 -22.53 31.01
N ASN A 110 -6.23 -23.58 31.81
CA ASN A 110 -6.12 -23.43 33.26
C ASN A 110 -4.67 -23.24 33.70
N SER A 111 -3.76 -23.65 32.82
CA SER A 111 -2.33 -23.53 33.07
C SER A 111 -1.79 -22.19 32.57
N ILE A 112 -2.54 -21.13 32.87
CA ILE A 112 -2.17 -19.76 32.47
C ILE A 112 -2.44 -18.80 33.61
N ASN A 113 -3.65 -18.88 34.15
CA ASN A 113 -4.05 -18.02 35.26
C ASN A 113 -3.80 -18.75 36.58
N GLU A 114 -3.03 -19.84 36.50
CA GLU A 114 -2.71 -20.63 37.69
C GLU A 114 -1.29 -21.19 37.61
N LYS A 115 -1.09 -22.21 36.77
CA LYS A 115 0.22 -22.84 36.60
C LYS A 115 1.36 -21.81 36.65
N MET A 116 1.36 -20.87 35.70
CA MET A 116 2.39 -19.85 35.66
C MET A 116 1.90 -18.57 36.31
N ASN A 117 1.00 -18.71 37.27
CA ASN A 117 0.49 -17.53 37.94
C ASN A 117 1.57 -16.93 38.82
N LYS A 118 2.06 -17.70 39.78
CA LYS A 118 3.09 -17.22 40.69
C LYS A 118 4.45 -17.03 40.02
N LEU A 119 4.53 -17.32 38.73
CA LEU A 119 5.78 -17.14 38.01
C LEU A 119 6.01 -15.64 37.88
N GLU A 120 4.92 -14.88 37.91
CA GLU A 120 5.01 -13.44 37.80
C GLU A 120 5.27 -12.81 39.16
N ASN A 121 4.72 -13.41 40.20
CA ASN A 121 4.92 -12.88 41.54
C ASN A 121 6.40 -12.95 41.94
N LYS A 122 7.11 -13.92 41.37
CA LYS A 122 8.53 -14.11 41.64
C LYS A 122 9.33 -13.03 40.90
N TYR A 123 8.77 -12.59 39.77
CA TYR A 123 9.35 -11.58 38.90
C TYR A 123 9.17 -10.16 39.46
N ILE A 124 8.09 -9.95 40.21
CA ILE A 124 7.83 -8.64 40.79
C ILE A 124 8.33 -8.66 42.23
N ASP A 125 8.65 -9.86 42.70
CA ASP A 125 9.14 -10.08 44.05
C ASP A 125 10.39 -9.27 44.34
N ALA A 126 11.40 -9.40 43.47
CA ALA A 126 12.64 -8.68 43.61
C ALA A 126 12.40 -7.20 43.94
N TYR A 127 11.36 -6.63 43.35
CA TYR A 127 11.04 -5.22 43.59
C TYR A 127 10.24 -5.10 44.87
N HIS A 128 9.49 -6.14 45.19
CA HIS A 128 8.66 -6.12 46.39
C HIS A 128 9.52 -5.88 47.61
N VAL A 129 10.65 -6.57 47.67
CA VAL A 129 11.60 -6.43 48.77
C VAL A 129 12.24 -5.04 48.70
N ILE A 130 12.89 -4.74 47.58
CA ILE A 130 13.54 -3.45 47.41
C ILE A 130 12.69 -2.27 47.87
N PHE A 131 11.39 -2.31 47.62
CA PHE A 131 10.54 -1.20 48.01
C PHE A 131 10.11 -1.26 49.47
N LYS A 132 9.90 -2.48 49.96
CA LYS A 132 9.49 -2.68 51.34
C LYS A 132 10.68 -2.34 52.25
N GLU A 133 11.80 -3.05 52.04
CA GLU A 133 13.02 -2.83 52.82
C GLU A 133 13.38 -1.37 52.78
N GLY A 134 13.08 -0.74 51.66
CA GLY A 134 13.36 0.68 51.50
C GLY A 134 12.46 1.53 52.37
N ASN A 135 11.27 1.04 52.66
CA ASN A 135 10.35 1.79 53.52
C ASN A 135 10.81 1.67 54.96
N LEU A 136 11.38 0.53 55.28
CA LEU A 136 11.93 0.29 56.62
C LEU A 136 13.19 1.14 56.73
N ASN A 137 14.10 0.97 55.78
CA ASN A 137 15.35 1.71 55.77
C ASN A 137 15.13 3.19 55.45
N GLY A 138 13.86 3.61 55.54
CA GLY A 138 13.50 4.99 55.26
C GLY A 138 14.24 5.69 54.13
N GLU A 139 13.95 5.30 52.90
CA GLU A 139 14.57 5.92 51.74
C GLU A 139 13.42 6.57 50.95
N TRP A 140 12.22 6.10 51.23
CA TRP A 140 11.03 6.61 50.56
C TRP A 140 9.78 6.19 51.34
N SER A 141 8.63 6.33 50.70
CA SER A 141 7.37 5.96 51.33
C SER A 141 6.36 5.60 50.28
N ILE A 142 6.23 4.30 50.05
CA ILE A 142 5.29 3.78 49.08
C ILE A 142 4.14 3.12 49.83
N ASN A 143 2.95 3.71 49.77
CA ASN A 143 1.81 3.13 50.47
C ASN A 143 1.14 2.01 49.66
N ASP A 144 1.60 1.83 48.43
CA ASP A 144 1.04 0.80 47.54
C ASP A 144 2.12 -0.01 46.85
N VAL A 145 3.06 -0.55 47.63
CA VAL A 145 4.16 -1.34 47.09
C VAL A 145 3.81 -2.32 45.97
N ASN A 146 2.85 -3.19 46.21
CA ASN A 146 2.44 -4.19 45.22
C ASN A 146 2.24 -3.59 43.81
N ALA A 147 1.68 -2.38 43.76
CA ALA A 147 1.44 -1.71 42.49
C ALA A 147 2.77 -1.30 41.89
N VAL A 148 3.42 -0.37 42.58
CA VAL A 148 4.71 0.16 42.17
C VAL A 148 5.60 -1.01 41.75
N SER A 149 5.58 -2.08 42.53
CA SER A 149 6.40 -3.23 42.21
C SER A 149 6.04 -3.69 40.81
N LYS A 150 4.78 -4.04 40.60
CA LYS A 150 4.32 -4.49 39.29
C LYS A 150 4.66 -3.46 38.20
N ILE A 151 4.45 -2.18 38.53
CA ILE A 151 4.73 -1.11 37.58
C ILE A 151 6.21 -1.07 37.19
N ALA A 152 7.07 -1.07 38.19
CA ALA A 152 8.52 -1.03 37.95
C ALA A 152 8.91 -2.28 37.17
N ALA A 153 8.49 -3.44 37.65
CA ALA A 153 8.84 -4.64 36.95
C ALA A 153 8.53 -4.52 35.48
N ASN A 154 7.29 -4.21 35.15
CA ASN A 154 6.85 -4.11 33.77
C ASN A 154 7.52 -2.99 32.98
N ALA A 155 7.60 -1.81 33.58
CA ALA A 155 8.23 -0.69 32.91
C ALA A 155 9.62 -1.10 32.44
N VAL A 156 10.40 -1.64 33.38
CA VAL A 156 11.76 -2.09 33.12
C VAL A 156 11.82 -3.12 32.01
N ASN A 157 11.01 -4.17 32.14
CA ASN A 157 10.97 -5.23 31.14
C ASN A 157 10.72 -4.63 29.76
N GLY A 158 10.02 -3.50 29.72
CA GLY A 158 9.74 -2.84 28.46
C GLY A 158 11.02 -2.29 27.86
N ILE A 159 11.76 -1.57 28.68
CA ILE A 159 13.03 -0.98 28.26
C ILE A 159 13.99 -2.10 27.85
N VAL A 160 13.99 -3.21 28.58
CA VAL A 160 14.88 -4.30 28.22
C VAL A 160 14.48 -4.96 26.91
N THR A 161 13.21 -5.31 26.79
CA THR A 161 12.68 -6.01 25.63
C THR A 161 12.55 -5.24 24.31
N PHE A 162 12.08 -4.00 24.36
CA PHE A 162 11.89 -3.20 23.15
C PHE A 162 12.99 -2.22 22.79
N THR A 163 14.24 -2.63 22.95
CA THR A 163 15.40 -1.82 22.60
C THR A 163 16.51 -2.81 22.28
N HIS A 164 16.17 -4.10 22.32
CA HIS A 164 17.14 -5.16 22.03
C HIS A 164 17.47 -5.12 20.55
N GLU A 165 18.29 -4.13 20.19
CA GLU A 165 18.72 -3.89 18.82
C GLU A 165 19.47 -2.57 18.77
N GLN A 166 20.33 -2.33 19.74
CA GLN A 166 21.09 -1.08 19.75
C GLN A 166 22.19 -1.04 20.81
N ASN A 167 23.19 -0.19 20.56
CA ASN A 167 24.33 0.02 21.45
C ASN A 167 23.97 -0.34 22.91
N ILE A 168 24.36 -1.54 23.32
CA ILE A 168 24.10 -2.02 24.67
C ILE A 168 24.46 -1.01 25.77
N ASN A 169 25.40 -0.13 25.48
CA ASN A 169 25.80 0.88 26.48
C ASN A 169 24.85 2.06 26.49
N GLU A 170 24.05 2.17 25.44
CA GLU A 170 23.06 3.24 25.35
C GLU A 170 21.85 2.79 26.16
N ARG A 171 21.61 1.49 26.13
CA ARG A 171 20.51 0.88 26.88
C ARG A 171 20.78 1.14 28.38
N ILE A 172 21.99 0.81 28.82
CA ILE A 172 22.38 1.01 30.20
C ILE A 172 22.16 2.44 30.63
N LYS A 173 22.49 3.38 29.77
CA LYS A 173 22.34 4.79 30.12
C LYS A 173 20.88 5.18 30.27
N LEU A 174 20.02 4.65 29.40
CA LEU A 174 18.59 4.95 29.45
C LEU A 174 17.99 4.31 30.70
N MET A 175 18.35 3.05 30.93
CA MET A 175 17.86 2.32 32.09
C MET A 175 18.24 3.02 33.40
N ASN A 176 19.42 3.63 33.45
CA ASN A 176 19.83 4.34 34.67
C ASN A 176 19.07 5.66 34.71
N LYS A 177 18.85 6.24 33.53
CA LYS A 177 18.11 7.48 33.46
C LYS A 177 16.66 7.18 33.87
N PHE A 178 16.19 5.97 33.60
CA PHE A 178 14.83 5.59 33.99
C PHE A 178 14.71 5.55 35.51
N SER A 179 15.52 4.68 36.13
CA SER A 179 15.58 4.50 37.57
C SER A 179 15.68 5.82 38.32
N GLN A 180 16.46 6.75 37.77
CA GLN A 180 16.58 8.04 38.43
C GLN A 180 15.17 8.64 38.47
N ILE A 181 14.56 8.81 37.30
CA ILE A 181 13.22 9.37 37.20
C ILE A 181 12.21 8.68 38.12
N PHE A 182 12.12 7.35 38.01
CA PHE A 182 11.17 6.61 38.82
C PHE A 182 11.34 6.96 40.27
N LEU A 183 12.50 6.60 40.83
CA LEU A 183 12.80 6.87 42.23
C LEU A 183 12.54 8.32 42.63
N ASN A 184 12.88 9.27 41.77
CA ASN A 184 12.66 10.67 42.10
C ASN A 184 11.15 10.96 42.13
N GLY A 185 10.36 10.03 41.59
CA GLY A 185 8.92 10.19 41.58
C GLY A 185 8.27 9.55 42.80
N LEU A 186 8.91 8.53 43.36
CA LEU A 186 8.39 7.85 44.54
C LEU A 186 8.52 8.76 45.73
N SER A 187 9.76 9.18 46.01
CA SER A 187 10.05 10.04 47.15
C SER A 187 9.21 11.33 47.15
N ASN B 2 10.47 34.14 -31.75
CA ASN B 2 10.39 34.35 -30.28
C ASN B 2 11.34 33.39 -29.57
N LEU B 3 10.90 32.81 -28.46
CA LEU B 3 11.70 31.87 -27.69
C LEU B 3 10.78 31.13 -26.71
N LYS B 4 9.73 31.82 -26.26
CA LYS B 4 8.75 31.24 -25.34
C LYS B 4 7.77 30.39 -26.13
N ASP B 5 7.66 30.69 -27.43
CA ASP B 5 6.77 29.94 -28.30
C ASP B 5 7.59 28.84 -28.93
N LYS B 6 8.91 28.99 -28.80
CA LYS B 6 9.88 28.01 -29.28
C LYS B 6 9.69 26.85 -28.30
N ILE B 7 9.83 27.14 -27.01
CA ILE B 7 9.65 26.16 -25.94
C ILE B 7 8.31 25.46 -26.15
N LEU B 8 7.23 26.23 -26.21
CA LEU B 8 5.90 25.67 -26.41
C LEU B 8 5.91 24.73 -27.61
N GLY B 9 6.34 25.23 -28.75
CA GLY B 9 6.39 24.44 -29.97
C GLY B 9 7.25 23.18 -29.92
N VAL B 10 8.47 23.31 -29.40
CA VAL B 10 9.35 22.14 -29.30
C VAL B 10 8.76 21.12 -28.32
N ALA B 11 8.29 21.60 -27.16
CA ALA B 11 7.68 20.73 -26.15
C ALA B 11 6.49 19.96 -26.72
N LYS B 12 5.53 20.70 -27.29
CA LYS B 12 4.33 20.11 -27.88
C LYS B 12 4.72 18.98 -28.81
N GLU B 13 5.67 19.25 -29.69
CA GLU B 13 6.14 18.28 -30.67
C GLU B 13 6.75 17.04 -30.00
N LEU B 14 7.57 17.26 -28.96
CA LEU B 14 8.19 16.17 -28.24
C LEU B 14 7.14 15.42 -27.41
N PHE B 15 6.18 16.13 -26.83
CA PHE B 15 5.13 15.47 -26.06
C PHE B 15 4.32 14.52 -26.91
N ILE B 16 4.00 14.95 -28.13
CA ILE B 16 3.23 14.13 -29.05
C ILE B 16 4.07 12.98 -29.58
N LYS B 17 5.37 13.17 -29.62
CA LYS B 17 6.23 12.13 -30.15
C LYS B 17 6.63 11.10 -29.11
N ASN B 18 6.98 11.55 -27.91
CA ASN B 18 7.41 10.62 -26.85
C ASN B 18 6.50 10.53 -25.62
N GLY B 19 5.52 11.41 -25.53
CA GLY B 19 4.63 11.37 -24.39
C GLY B 19 5.17 12.21 -23.26
N TYR B 20 4.34 12.43 -22.23
CA TYR B 20 4.73 13.24 -21.11
C TYR B 20 6.03 12.82 -20.40
N ASN B 21 5.95 11.75 -19.63
CA ASN B 21 7.10 11.25 -18.87
C ASN B 21 8.44 11.16 -19.60
N ALA B 22 8.43 10.71 -20.84
CA ALA B 22 9.66 10.55 -21.61
C ALA B 22 10.30 11.87 -22.07
N THR B 23 9.53 12.94 -22.04
CA THR B 23 10.06 14.23 -22.48
C THR B 23 10.54 15.10 -21.33
N THR B 24 11.85 15.29 -21.29
CA THR B 24 12.50 16.07 -20.26
C THR B 24 12.67 17.55 -20.57
N THR B 25 12.78 18.36 -19.52
CA THR B 25 12.97 19.79 -19.69
C THR B 25 14.30 20.02 -20.42
N GLY B 26 15.28 19.18 -20.11
CA GLY B 26 16.57 19.28 -20.75
C GLY B 26 16.51 19.10 -22.25
N GLU B 27 15.74 18.12 -22.72
CA GLU B 27 15.63 17.89 -24.16
C GLU B 27 14.78 19.00 -24.78
N ILE B 28 13.83 19.52 -24.01
CA ILE B 28 12.97 20.60 -24.44
C ILE B 28 13.83 21.81 -24.73
N VAL B 29 14.52 22.27 -23.70
CA VAL B 29 15.42 23.42 -23.74
C VAL B 29 16.55 23.33 -24.78
N LYS B 30 17.22 22.18 -24.86
CA LYS B 30 18.32 22.03 -25.82
C LYS B 30 17.91 22.14 -27.29
N LEU B 31 16.74 21.61 -27.65
CA LEU B 31 16.26 21.70 -29.03
C LEU B 31 15.53 23.01 -29.31
N SER B 32 15.08 23.67 -28.25
CA SER B 32 14.38 24.94 -28.40
C SER B 32 15.35 26.11 -28.45
N GLU B 33 16.63 25.83 -28.21
CA GLU B 33 17.67 26.87 -28.23
C GLU B 33 17.46 27.90 -27.13
N SER B 34 17.27 27.42 -25.91
CA SER B 34 17.05 28.31 -24.78
C SER B 34 17.81 27.81 -23.58
N SER B 35 17.59 28.45 -22.45
CA SER B 35 18.25 28.06 -21.22
C SER B 35 17.29 27.27 -20.38
N LYS B 36 17.85 26.50 -19.45
CA LYS B 36 17.04 25.70 -18.54
C LYS B 36 16.22 26.69 -17.73
N GLY B 37 16.92 27.61 -17.05
CA GLY B 37 16.27 28.61 -16.24
C GLY B 37 15.21 29.44 -16.95
N ASN B 38 15.46 29.83 -18.20
CA ASN B 38 14.50 30.63 -18.94
C ASN B 38 13.14 29.93 -18.94
N LEU B 39 13.16 28.61 -19.14
CA LEU B 39 11.94 27.81 -19.14
C LEU B 39 11.20 27.95 -17.80
N TYR B 40 11.95 28.03 -16.70
CA TYR B 40 11.37 28.19 -15.37
C TYR B 40 10.93 29.65 -15.18
N TYR B 41 11.49 30.52 -16.02
CA TYR B 41 11.18 31.93 -15.97
C TYR B 41 9.82 32.16 -16.63
N HIS B 42 9.62 31.47 -17.75
CA HIS B 42 8.38 31.56 -18.53
C HIS B 42 7.24 30.66 -18.07
N PHE B 43 7.55 29.43 -17.68
CA PHE B 43 6.50 28.50 -17.26
C PHE B 43 6.63 27.97 -15.83
N LYS B 44 7.81 28.09 -15.25
CA LYS B 44 8.09 27.64 -13.87
C LYS B 44 8.36 26.14 -13.68
N THR B 45 7.46 25.29 -14.16
CA THR B 45 7.62 23.83 -14.02
C THR B 45 7.33 23.15 -15.35
N LYS B 46 7.63 21.86 -15.46
CA LYS B 46 7.36 21.15 -16.70
C LYS B 46 5.90 20.77 -16.75
N GLU B 47 5.30 20.50 -15.59
CA GLU B 47 3.90 20.13 -15.55
C GLU B 47 3.03 21.34 -15.88
N ASN B 48 3.56 22.52 -15.60
CA ASN B 48 2.81 23.74 -15.86
C ASN B 48 2.92 24.14 -17.33
N LEU B 49 4.08 23.86 -17.93
CA LEU B 49 4.32 24.16 -19.34
C LEU B 49 3.34 23.35 -20.15
N PHE B 50 3.19 22.09 -19.76
CA PHE B 50 2.31 21.16 -20.42
C PHE B 50 0.86 21.51 -20.17
N LEU B 51 0.53 21.77 -18.91
CA LEU B 51 -0.83 22.14 -18.56
C LEU B 51 -1.24 23.39 -19.34
N GLU B 52 -0.24 24.13 -19.81
CA GLU B 52 -0.51 25.34 -20.56
C GLU B 52 -0.75 25.00 -22.02
N ILE B 53 0.12 24.17 -22.57
CA ILE B 53 -0.01 23.74 -23.95
C ILE B 53 -1.43 23.18 -24.09
N LEU B 54 -1.90 22.48 -23.07
CA LEU B 54 -3.22 21.86 -23.08
C LEU B 54 -4.37 22.84 -23.26
N ASN B 55 -4.16 24.08 -22.86
CA ASN B 55 -5.21 25.09 -23.05
C ASN B 55 -5.09 25.65 -24.45
N ILE B 56 -3.86 25.75 -24.94
CA ILE B 56 -3.59 26.23 -26.29
C ILE B 56 -4.29 25.28 -27.25
N GLU B 57 -3.97 23.99 -27.13
CA GLU B 57 -4.57 22.97 -28.00
C GLU B 57 -6.08 22.96 -27.87
N GLU B 58 -6.59 22.76 -26.67
CA GLU B 58 -8.04 22.71 -26.50
C GLU B 58 -8.74 23.94 -27.04
N SER B 59 -8.20 25.13 -26.77
CA SER B 59 -8.86 26.35 -27.26
C SER B 59 -8.85 26.45 -28.77
N LYS B 60 -7.75 26.03 -29.41
CA LYS B 60 -7.65 26.09 -30.86
C LYS B 60 -8.48 24.98 -31.51
N TRP B 61 -9.08 24.12 -30.69
CA TRP B 61 -9.91 23.05 -31.20
C TRP B 61 -11.39 23.34 -30.99
N GLN B 62 -11.70 24.16 -29.98
CA GLN B 62 -13.08 24.50 -29.71
C GLN B 62 -13.42 25.62 -30.67
N GLU B 63 -12.39 26.22 -31.24
CA GLU B 63 -12.58 27.31 -32.19
C GLU B 63 -12.63 26.79 -33.63
N GLN B 64 -11.65 25.97 -34.01
CA GLN B 64 -11.63 25.41 -35.35
C GLN B 64 -12.96 24.69 -35.61
N TRP B 65 -13.57 24.15 -34.56
CA TRP B 65 -14.84 23.42 -34.68
C TRP B 65 -16.06 24.34 -34.79
N LYS B 66 -16.09 25.44 -34.04
CA LYS B 66 -17.24 26.34 -34.14
C LYS B 66 -17.33 26.98 -35.53
N LYS B 67 -16.20 27.00 -36.24
CA LYS B 67 -16.14 27.55 -37.58
C LYS B 67 -16.63 26.50 -38.57
N GLU B 68 -16.11 25.30 -38.46
CA GLU B 68 -16.48 24.24 -39.38
C GLU B 68 -17.75 23.49 -38.97
N GLN B 69 -18.46 23.96 -37.94
CA GLN B 69 -19.67 23.26 -37.52
C GLN B 69 -20.94 23.75 -38.19
N ILE B 70 -20.83 24.88 -38.87
CA ILE B 70 -21.97 25.47 -39.55
C ILE B 70 -22.31 24.73 -40.83
N LYS B 71 -21.29 24.15 -41.48
CA LYS B 71 -21.51 23.39 -42.72
C LYS B 71 -22.35 22.14 -42.44
N ALA B 72 -23.10 22.18 -41.34
CA ALA B 72 -23.97 21.09 -40.93
C ALA B 72 -25.21 21.70 -40.26
N LYS B 73 -26.35 21.59 -40.91
CA LYS B 73 -27.58 22.15 -40.39
C LYS B 73 -28.12 21.39 -39.18
N THR B 74 -28.49 20.13 -39.35
CA THR B 74 -29.02 19.34 -38.23
C THR B 74 -27.92 18.91 -37.26
N ASN B 75 -28.26 18.77 -35.99
CA ASN B 75 -27.26 18.36 -35.02
C ASN B 75 -26.79 16.95 -35.32
N ARG B 76 -27.65 16.14 -35.93
CA ARG B 76 -27.28 14.78 -36.26
C ARG B 76 -26.05 14.81 -37.16
N GLU B 77 -25.98 15.83 -38.02
CA GLU B 77 -24.85 15.97 -38.93
C GLU B 77 -23.65 16.55 -38.18
N LYS B 78 -23.91 17.43 -37.22
CA LYS B 78 -22.84 18.01 -36.43
C LYS B 78 -22.10 16.89 -35.68
N PHE B 79 -22.85 15.89 -35.24
CA PHE B 79 -22.29 14.76 -34.52
C PHE B 79 -21.26 14.09 -35.43
N TYR B 80 -21.75 13.54 -36.53
CA TYR B 80 -20.94 12.86 -37.54
C TYR B 80 -19.68 13.67 -37.85
N LEU B 81 -19.89 14.93 -38.24
CA LEU B 81 -18.80 15.82 -38.61
C LEU B 81 -17.73 15.98 -37.54
N TYR B 82 -18.16 16.20 -36.30
CA TYR B 82 -17.23 16.38 -35.18
C TYR B 82 -16.29 15.18 -35.04
N ASN B 83 -16.87 13.98 -35.01
CA ASN B 83 -16.09 12.75 -34.86
C ASN B 83 -15.09 12.55 -35.99
N GLU B 84 -15.44 13.03 -37.18
CA GLU B 84 -14.54 12.89 -38.32
C GLU B 84 -13.41 13.88 -38.14
N LEU B 85 -13.76 15.12 -37.80
CA LEU B 85 -12.75 16.14 -37.63
C LEU B 85 -11.72 15.75 -36.58
N SER B 86 -12.16 15.02 -35.56
CA SER B 86 -11.30 14.56 -34.48
C SER B 86 -10.10 13.78 -35.01
N LEU B 87 -10.34 13.01 -36.06
CA LEU B 87 -9.29 12.22 -36.66
C LEU B 87 -8.35 13.03 -37.52
N THR B 88 -8.84 14.14 -38.07
CA THR B 88 -8.00 14.93 -38.98
C THR B 88 -7.41 16.20 -38.41
N THR B 89 -7.98 16.75 -37.35
CA THR B 89 -7.44 17.98 -36.79
C THR B 89 -6.03 17.78 -36.26
N GLU B 90 -5.30 18.87 -36.06
CA GLU B 90 -3.96 18.76 -35.53
C GLU B 90 -3.99 19.21 -34.07
N TYR B 91 -5.19 19.41 -33.55
CA TYR B 91 -5.38 19.87 -32.18
C TYR B 91 -5.89 18.82 -31.18
N TYR B 92 -5.51 19.01 -29.91
CA TYR B 92 -5.93 18.13 -28.83
C TYR B 92 -5.61 16.63 -29.00
N TYR B 93 -6.45 15.92 -29.75
CA TYR B 93 -6.31 14.48 -29.96
C TYR B 93 -4.89 13.91 -30.15
N PRO B 94 -3.95 14.70 -30.70
CA PRO B 94 -2.59 14.16 -30.88
C PRO B 94 -1.77 14.09 -29.58
N LEU B 95 -2.28 14.68 -28.51
CA LEU B 95 -1.57 14.69 -27.24
C LEU B 95 -2.15 13.68 -26.23
N GLN B 96 -3.20 12.98 -26.63
CA GLN B 96 -3.87 11.99 -25.78
C GLN B 96 -2.88 11.08 -25.03
N ASN B 97 -1.92 10.53 -25.76
CA ASN B 97 -0.93 9.65 -25.17
C ASN B 97 -0.21 10.31 -23.99
N ALA B 98 0.08 11.60 -24.10
CA ALA B 98 0.74 12.32 -23.02
C ALA B 98 -0.31 12.77 -22.00
N ILE B 99 -1.49 13.14 -22.48
CA ILE B 99 -2.56 13.56 -21.58
C ILE B 99 -2.95 12.39 -20.72
N ILE B 100 -2.53 11.19 -21.09
CA ILE B 100 -2.83 10.00 -20.30
C ILE B 100 -1.74 9.89 -19.22
N GLU B 101 -0.48 9.81 -19.64
CA GLU B 101 0.62 9.70 -18.69
C GLU B 101 0.54 10.81 -17.65
N PHE B 102 0.27 12.03 -18.12
CA PHE B 102 0.18 13.17 -17.24
C PHE B 102 -0.96 13.03 -16.23
N TYR B 103 -2.13 12.58 -16.67
CA TYR B 103 -3.23 12.47 -15.73
C TYR B 103 -2.97 11.47 -14.61
N THR B 104 -2.49 10.29 -14.93
CA THR B 104 -2.23 9.29 -13.90
C THR B 104 -1.02 9.67 -13.05
N GLU B 105 -0.56 10.91 -13.17
CA GLU B 105 0.61 11.33 -12.41
C GLU B 105 0.39 12.60 -11.61
N TYR B 106 -0.82 13.13 -11.61
CA TYR B 106 -1.11 14.35 -10.89
C TYR B 106 -2.54 14.46 -10.42
N TYR B 107 -3.34 13.41 -10.60
CA TYR B 107 -4.74 13.47 -10.14
C TYR B 107 -4.68 13.36 -8.63
N LYS B 108 -3.49 12.97 -8.15
CA LYS B 108 -3.21 12.82 -6.73
C LYS B 108 -3.12 14.23 -6.15
N THR B 109 -2.62 15.15 -6.97
CA THR B 109 -2.48 16.55 -6.58
C THR B 109 -3.77 17.32 -6.86
N ASN B 110 -4.71 17.32 -5.92
CA ASN B 110 -5.99 18.00 -6.08
C ASN B 110 -5.91 19.29 -6.91
N SER B 111 -4.80 20.02 -6.78
CA SER B 111 -4.61 21.26 -7.53
C SER B 111 -4.86 21.07 -9.04
N ILE B 112 -3.89 20.45 -9.69
CA ILE B 112 -3.95 20.19 -11.12
C ILE B 112 -5.24 19.45 -11.51
N ASN B 113 -5.65 18.50 -10.68
CA ASN B 113 -6.86 17.72 -10.93
C ASN B 113 -8.02 18.60 -11.36
N GLU B 114 -8.16 19.75 -10.71
CA GLU B 114 -9.24 20.67 -11.05
C GLU B 114 -9.02 21.32 -12.40
N LYS B 115 -7.79 21.79 -12.66
CA LYS B 115 -7.46 22.43 -13.93
C LYS B 115 -7.74 21.47 -15.07
N MET B 116 -7.34 20.21 -14.89
CA MET B 116 -7.57 19.18 -15.90
C MET B 116 -9.04 18.86 -15.99
N ASN B 117 -9.65 18.55 -14.85
CA ASN B 117 -11.07 18.24 -14.82
C ASN B 117 -11.81 19.42 -15.42
N LYS B 118 -11.26 20.62 -15.22
CA LYS B 118 -11.85 21.82 -15.77
C LYS B 118 -11.87 21.70 -17.28
N LEU B 119 -10.68 21.55 -17.86
CA LEU B 119 -10.53 21.41 -19.30
C LEU B 119 -11.41 20.32 -19.90
N GLU B 120 -11.34 19.12 -19.34
CA GLU B 120 -12.12 18.00 -19.86
C GLU B 120 -13.61 18.29 -19.99
N ASN B 121 -14.13 19.20 -19.17
CA ASN B 121 -15.54 19.53 -19.25
C ASN B 121 -15.79 20.39 -20.49
N LYS B 122 -14.74 21.04 -20.95
CA LYS B 122 -14.83 21.88 -22.15
C LYS B 122 -14.92 20.96 -23.37
N TYR B 123 -14.24 19.83 -23.26
CA TYR B 123 -14.23 18.83 -24.34
C TYR B 123 -15.53 18.02 -24.35
N ILE B 124 -16.09 17.73 -23.18
CA ILE B 124 -17.33 16.97 -23.12
C ILE B 124 -18.50 17.90 -23.45
N ASP B 125 -18.25 19.20 -23.39
CA ASP B 125 -19.29 20.21 -23.65
C ASP B 125 -19.77 20.20 -25.10
N ALA B 126 -18.83 20.17 -26.04
CA ALA B 126 -19.15 20.15 -27.45
C ALA B 126 -20.22 19.09 -27.72
N TYR B 127 -20.05 17.92 -27.11
CA TYR B 127 -21.02 16.84 -27.27
C TYR B 127 -22.33 17.14 -26.57
N HIS B 128 -22.24 17.66 -25.34
CA HIS B 128 -23.42 18.01 -24.57
C HIS B 128 -24.28 18.98 -25.37
N VAL B 129 -23.62 19.93 -26.02
CA VAL B 129 -24.32 20.92 -26.85
C VAL B 129 -25.10 20.21 -27.95
N ILE B 130 -24.39 19.43 -28.77
CA ILE B 130 -25.01 18.71 -29.87
C ILE B 130 -26.18 17.88 -29.40
N PHE B 131 -26.09 17.33 -28.20
CA PHE B 131 -27.18 16.50 -27.70
C PHE B 131 -28.34 17.32 -27.17
N LYS B 132 -28.02 18.46 -26.55
CA LYS B 132 -29.05 19.36 -26.01
C LYS B 132 -29.92 19.89 -27.17
N GLU B 133 -29.27 20.50 -28.16
CA GLU B 133 -29.95 21.04 -29.33
C GLU B 133 -30.76 19.97 -30.03
N GLY B 134 -30.18 18.78 -30.15
CA GLY B 134 -30.88 17.70 -30.79
C GLY B 134 -32.23 17.45 -30.13
N ASN B 135 -32.25 17.54 -28.81
CA ASN B 135 -33.48 17.35 -28.09
C ASN B 135 -34.40 18.54 -28.35
N LEU B 136 -33.81 19.72 -28.38
CA LEU B 136 -34.57 20.95 -28.64
C LEU B 136 -34.69 21.16 -30.16
N ASN B 137 -34.80 20.05 -30.88
CA ASN B 137 -34.93 20.07 -32.33
C ASN B 137 -35.51 18.73 -32.72
N GLY B 138 -36.00 18.02 -31.69
CA GLY B 138 -36.61 16.72 -31.87
C GLY B 138 -35.88 15.71 -32.72
N GLU B 139 -34.55 15.74 -32.73
CA GLU B 139 -33.79 14.79 -33.54
C GLU B 139 -33.66 13.48 -32.77
N TRP B 140 -33.86 13.57 -31.46
CA TRP B 140 -33.75 12.42 -30.59
C TRP B 140 -34.17 12.84 -29.19
N SER B 141 -34.52 11.86 -28.37
CA SER B 141 -34.91 12.13 -27.00
C SER B 141 -33.92 11.45 -26.05
N ILE B 142 -33.05 12.24 -25.44
CA ILE B 142 -32.07 11.68 -24.52
C ILE B 142 -32.27 12.20 -23.10
N ASN B 143 -32.62 11.29 -22.20
CA ASN B 143 -32.88 11.65 -20.80
C ASN B 143 -31.67 12.28 -20.14
N ASP B 144 -30.61 11.49 -19.94
CA ASP B 144 -29.41 12.03 -19.33
C ASP B 144 -28.41 12.35 -20.44
N VAL B 145 -28.29 13.63 -20.74
CA VAL B 145 -27.39 14.11 -21.77
C VAL B 145 -25.95 14.01 -21.31
N ASN B 146 -25.72 14.35 -20.04
CA ASN B 146 -24.37 14.29 -19.48
C ASN B 146 -23.75 12.89 -19.56
N ALA B 147 -24.57 11.86 -19.37
CA ALA B 147 -24.08 10.48 -19.43
C ALA B 147 -23.66 10.11 -20.85
N VAL B 148 -24.45 10.54 -21.83
CA VAL B 148 -24.16 10.24 -23.21
C VAL B 148 -23.05 11.14 -23.77
N SER B 149 -23.01 12.39 -23.32
CA SER B 149 -21.96 13.31 -23.77
C SER B 149 -20.59 12.74 -23.44
N LYS B 150 -20.50 12.06 -22.30
CA LYS B 150 -19.24 11.49 -21.86
C LYS B 150 -19.01 10.18 -22.59
N ILE B 151 -20.02 9.31 -22.64
CA ILE B 151 -19.86 8.04 -23.33
C ILE B 151 -19.39 8.36 -24.74
N ALA B 152 -20.03 9.36 -25.32
CA ALA B 152 -19.72 9.81 -26.67
C ALA B 152 -18.24 10.14 -26.77
N ALA B 153 -17.86 11.23 -26.14
CA ALA B 153 -16.49 11.72 -26.15
C ALA B 153 -15.43 10.66 -25.95
N ASN B 154 -15.60 9.80 -24.95
CA ASN B 154 -14.58 8.78 -24.69
C ASN B 154 -14.57 7.64 -25.71
N ALA B 155 -15.75 7.31 -26.23
CA ALA B 155 -15.83 6.25 -27.23
C ALA B 155 -15.10 6.76 -28.46
N VAL B 156 -15.47 7.94 -28.91
CA VAL B 156 -14.85 8.53 -30.08
C VAL B 156 -13.37 8.74 -29.87
N ASN B 157 -13.01 9.30 -28.72
CA ASN B 157 -11.62 9.56 -28.41
C ASN B 157 -10.82 8.27 -28.42
N GLY B 158 -11.49 7.16 -28.08
CA GLY B 158 -10.82 5.87 -28.08
C GLY B 158 -10.58 5.40 -29.51
N ILE B 159 -11.55 5.65 -30.39
CA ILE B 159 -11.45 5.27 -31.80
C ILE B 159 -10.26 6.02 -32.40
N VAL B 160 -10.15 7.31 -32.08
CA VAL B 160 -9.08 8.13 -32.60
C VAL B 160 -7.67 7.75 -32.15
N THR B 161 -7.49 7.44 -30.88
CA THR B 161 -6.14 7.12 -30.39
C THR B 161 -5.68 5.66 -30.48
N PHE B 162 -6.60 4.72 -30.68
CA PHE B 162 -6.23 3.31 -30.76
C PHE B 162 -6.31 2.68 -32.17
N THR B 163 -6.32 3.53 -33.18
CA THR B 163 -6.34 3.12 -34.59
C THR B 163 -5.54 4.21 -35.34
N HIS B 164 -4.52 4.73 -34.64
CA HIS B 164 -3.62 5.79 -35.13
C HIS B 164 -2.58 5.17 -36.11
N GLU B 165 -2.82 3.91 -36.46
CA GLU B 165 -1.95 3.14 -37.34
C GLU B 165 -2.23 3.27 -38.84
N GLN B 166 -3.07 2.37 -39.34
CA GLN B 166 -3.43 2.28 -40.76
C GLN B 166 -3.98 3.53 -41.44
N ASN B 167 -4.47 3.30 -42.65
CA ASN B 167 -5.03 4.29 -43.54
C ASN B 167 -6.06 5.24 -42.94
N ILE B 168 -5.77 6.54 -43.03
CA ILE B 168 -6.68 7.55 -42.50
C ILE B 168 -8.07 7.41 -43.11
N ASN B 169 -8.17 6.77 -44.27
CA ASN B 169 -9.47 6.59 -44.93
C ASN B 169 -10.35 5.58 -44.20
N GLU B 170 -9.75 4.44 -43.85
CA GLU B 170 -10.48 3.39 -43.16
C GLU B 170 -10.90 3.94 -41.81
N ARG B 171 -10.05 4.77 -41.22
CA ARG B 171 -10.34 5.37 -39.94
C ARG B 171 -11.59 6.24 -40.04
N ILE B 172 -11.55 7.21 -40.95
CA ILE B 172 -12.71 8.10 -41.14
C ILE B 172 -13.95 7.26 -41.42
N LYS B 173 -13.72 6.11 -42.03
CA LYS B 173 -14.82 5.24 -42.39
C LYS B 173 -15.43 4.57 -41.16
N LEU B 174 -14.59 3.89 -40.38
CA LEU B 174 -15.01 3.20 -39.17
C LEU B 174 -15.71 4.18 -38.23
N MET B 175 -15.17 5.40 -38.16
CA MET B 175 -15.72 6.44 -37.31
C MET B 175 -17.15 6.73 -37.71
N ASN B 176 -17.42 6.72 -39.01
CA ASN B 176 -18.77 7.01 -39.48
C ASN B 176 -19.73 5.89 -39.17
N LYS B 177 -19.31 4.64 -39.37
CA LYS B 177 -20.20 3.53 -39.06
C LYS B 177 -20.49 3.60 -37.56
N PHE B 178 -19.50 4.06 -36.80
CA PHE B 178 -19.66 4.20 -35.37
C PHE B 178 -20.75 5.23 -35.12
N SER B 179 -20.52 6.46 -35.62
CA SER B 179 -21.47 7.55 -35.43
C SER B 179 -22.87 7.12 -35.81
N GLN B 180 -22.98 6.40 -36.92
CA GLN B 180 -24.27 5.95 -37.36
C GLN B 180 -24.86 4.97 -36.33
N ILE B 181 -24.09 3.93 -36.01
CA ILE B 181 -24.59 2.97 -35.05
C ILE B 181 -24.97 3.70 -33.78
N PHE B 182 -24.06 4.53 -33.28
CA PHE B 182 -24.30 5.27 -32.04
C PHE B 182 -25.56 6.14 -32.06
N LEU B 183 -25.74 6.94 -33.11
CA LEU B 183 -26.92 7.81 -33.23
C LEU B 183 -28.18 6.96 -33.42
N ASN B 184 -28.03 5.87 -34.15
CA ASN B 184 -29.16 4.99 -34.41
C ASN B 184 -29.37 4.07 -33.21
N GLY B 185 -29.07 4.58 -32.03
CA GLY B 185 -29.24 3.79 -30.83
C GLY B 185 -29.78 4.70 -29.77
N LEU B 186 -29.69 6.00 -30.03
CA LEU B 186 -30.15 7.01 -29.09
C LEU B 186 -31.66 7.06 -28.87
N SER B 187 -32.34 6.09 -29.47
CA SER B 187 -33.78 5.93 -29.35
C SER B 187 -34.14 4.57 -29.97
N ASN C 2 -4.43 2.03 -5.70
CA ASN C 2 -5.68 1.28 -5.38
C ASN C 2 -5.55 -0.25 -5.50
N LEU C 3 -4.94 -0.75 -6.56
CA LEU C 3 -4.76 -2.20 -6.58
C LEU C 3 -3.79 -2.46 -5.42
N LYS C 4 -2.92 -1.48 -5.19
CA LYS C 4 -1.94 -1.53 -4.12
C LYS C 4 -2.66 -1.38 -2.79
N ASP C 5 -3.59 -0.45 -2.72
CA ASP C 5 -4.31 -0.23 -1.47
C ASP C 5 -5.21 -1.41 -1.11
N LYS C 6 -5.69 -2.11 -2.14
CA LYS C 6 -6.56 -3.27 -1.95
C LYS C 6 -5.69 -4.39 -1.40
N ILE C 7 -4.51 -4.59 -1.98
CA ILE C 7 -3.58 -5.61 -1.51
C ILE C 7 -3.28 -5.42 0.00
N LEU C 8 -3.06 -4.18 0.42
CA LEU C 8 -2.77 -3.91 1.80
C LEU C 8 -3.93 -4.26 2.71
N GLY C 9 -5.12 -3.83 2.30
CA GLY C 9 -6.32 -4.08 3.08
C GLY C 9 -6.67 -5.55 3.17
N VAL C 10 -6.54 -6.25 2.06
CA VAL C 10 -6.84 -7.67 2.07
C VAL C 10 -5.81 -8.35 2.96
N ALA C 11 -4.55 -7.95 2.79
CA ALA C 11 -3.49 -8.54 3.57
C ALA C 11 -3.71 -8.19 5.04
N LYS C 12 -4.19 -6.99 5.32
CA LYS C 12 -4.38 -6.67 6.73
C LYS C 12 -5.43 -7.62 7.31
N GLU C 13 -6.46 -7.93 6.53
CA GLU C 13 -7.53 -8.84 6.98
C GLU C 13 -7.03 -10.25 7.14
N LEU C 14 -6.29 -10.74 6.15
CA LEU C 14 -5.73 -12.08 6.23
C LEU C 14 -4.86 -12.21 7.48
N PHE C 15 -3.85 -11.36 7.64
CA PHE C 15 -2.97 -11.43 8.81
C PHE C 15 -3.81 -11.46 10.08
N ILE C 16 -4.88 -10.67 10.14
CA ILE C 16 -5.69 -10.67 11.36
C ILE C 16 -6.41 -11.97 11.60
N LYS C 17 -7.10 -12.46 10.58
CA LYS C 17 -7.86 -13.71 10.72
C LYS C 17 -6.97 -14.91 10.96
N ASN C 18 -5.83 -14.95 10.29
CA ASN C 18 -4.95 -16.09 10.38
C ASN C 18 -3.52 -15.94 10.87
N GLY C 19 -3.16 -14.74 11.32
CA GLY C 19 -1.81 -14.54 11.80
C GLY C 19 -0.85 -14.34 10.65
N TYR C 20 0.34 -13.84 10.97
CA TYR C 20 1.37 -13.55 9.98
C TYR C 20 1.96 -14.77 9.27
N ASN C 21 2.60 -15.65 10.02
CA ASN C 21 3.23 -16.81 9.43
C ASN C 21 2.35 -17.67 8.52
N ALA C 22 1.09 -17.82 8.88
CA ALA C 22 0.17 -18.66 8.10
C ALA C 22 -0.30 -18.06 6.78
N THR C 23 -0.31 -16.73 6.73
CA THR C 23 -0.75 -16.02 5.54
C THR C 23 0.31 -16.03 4.45
N THR C 24 -0.09 -16.48 3.26
CA THR C 24 0.80 -16.56 2.12
C THR C 24 0.60 -15.39 1.18
N THR C 25 1.62 -15.08 0.38
CA THR C 25 1.49 -13.99 -0.58
C THR C 25 0.61 -14.48 -1.71
N GLY C 26 0.48 -15.80 -1.82
CA GLY C 26 -0.36 -16.36 -2.86
C GLY C 26 -1.79 -15.99 -2.54
N GLU C 27 -2.20 -16.20 -1.29
CA GLU C 27 -3.55 -15.85 -0.90
C GLU C 27 -3.79 -14.38 -1.19
N ILE C 28 -2.96 -13.51 -0.62
CA ILE C 28 -3.12 -12.09 -0.85
C ILE C 28 -3.34 -11.77 -2.32
N VAL C 29 -2.46 -12.29 -3.18
CA VAL C 29 -2.58 -12.09 -4.61
C VAL C 29 -3.98 -12.40 -5.14
N LYS C 30 -4.47 -13.61 -4.93
CA LYS C 30 -5.78 -13.95 -5.45
C LYS C 30 -6.97 -13.25 -4.83
N LEU C 31 -6.98 -13.04 -3.51
CA LEU C 31 -8.11 -12.35 -2.90
C LEU C 31 -8.19 -10.88 -3.24
N SER C 32 -7.05 -10.26 -3.55
CA SER C 32 -7.06 -8.84 -3.89
C SER C 32 -7.04 -8.73 -5.41
N GLU C 33 -7.26 -9.87 -6.06
CA GLU C 33 -7.30 -9.99 -7.50
C GLU C 33 -6.16 -9.21 -8.15
N SER C 34 -4.95 -9.55 -7.75
CA SER C 34 -3.75 -8.90 -8.27
C SER C 34 -2.83 -9.92 -8.90
N SER C 35 -1.55 -9.88 -8.54
CA SER C 35 -0.58 -10.83 -9.08
C SER C 35 0.74 -10.86 -8.33
N LYS C 36 1.44 -11.99 -8.44
CA LYS C 36 2.73 -12.15 -7.79
C LYS C 36 3.56 -10.96 -8.29
N GLY C 37 3.53 -10.75 -9.61
CA GLY C 37 4.26 -9.66 -10.24
C GLY C 37 4.02 -8.33 -9.59
N ASN C 38 2.75 -7.95 -9.50
CA ASN C 38 2.40 -6.67 -8.91
C ASN C 38 2.79 -6.58 -7.43
N LEU C 39 2.51 -7.65 -6.67
CA LEU C 39 2.83 -7.65 -5.24
C LEU C 39 4.35 -7.48 -5.04
N TYR C 40 5.14 -8.22 -5.81
CA TYR C 40 6.59 -8.12 -5.74
C TYR C 40 7.03 -6.68 -6.05
N TYR C 41 6.49 -6.10 -7.11
CA TYR C 41 6.82 -4.74 -7.50
C TYR C 41 6.53 -3.69 -6.43
N HIS C 42 5.50 -3.90 -5.62
CA HIS C 42 5.12 -2.91 -4.62
C HIS C 42 5.75 -3.12 -3.26
N PHE C 43 5.99 -4.37 -2.89
CA PHE C 43 6.53 -4.66 -1.57
C PHE C 43 7.72 -5.61 -1.54
N LYS C 44 7.93 -6.31 -2.65
CA LYS C 44 9.03 -7.25 -2.79
C LYS C 44 8.89 -8.47 -1.90
N THR C 45 8.45 -8.27 -0.66
CA THR C 45 8.30 -9.39 0.26
C THR C 45 7.17 -9.21 1.25
N LYS C 46 6.75 -10.32 1.83
CA LYS C 46 5.69 -10.31 2.84
C LYS C 46 6.22 -9.48 4.01
N GLU C 47 7.54 -9.57 4.27
CA GLU C 47 8.15 -8.81 5.36
C GLU C 47 7.83 -7.35 5.23
N ASN C 48 8.03 -6.84 4.02
CA ASN C 48 7.79 -5.43 3.75
C ASN C 48 6.33 -5.08 3.71
N LEU C 49 5.55 -5.91 3.04
CA LEU C 49 4.12 -5.68 2.93
C LEU C 49 3.65 -5.37 4.35
N PHE C 50 3.98 -6.28 5.26
CA PHE C 50 3.60 -6.10 6.66
C PHE C 50 4.07 -4.75 7.25
N LEU C 51 5.30 -4.36 6.95
CA LEU C 51 5.85 -3.11 7.44
C LEU C 51 5.05 -1.89 6.94
N GLU C 52 4.59 -1.95 5.69
CA GLU C 52 3.80 -0.89 5.12
C GLU C 52 2.45 -0.80 5.81
N ILE C 53 1.83 -1.95 6.04
CA ILE C 53 0.55 -1.97 6.73
C ILE C 53 0.81 -1.28 8.06
N LEU C 54 1.86 -1.74 8.74
CA LEU C 54 2.23 -1.15 10.02
C LEU C 54 2.47 0.35 9.93
N ASN C 55 3.06 0.81 8.83
CA ASN C 55 3.25 2.26 8.68
C ASN C 55 1.91 2.96 8.52
N ILE C 56 1.01 2.36 7.75
CA ILE C 56 -0.30 2.97 7.59
C ILE C 56 -1.03 2.97 8.93
N GLU C 57 -0.97 1.86 9.67
CA GLU C 57 -1.62 1.80 10.97
C GLU C 57 -1.05 2.91 11.83
N GLU C 58 0.22 3.24 11.63
CA GLU C 58 0.84 4.29 12.41
C GLU C 58 0.19 5.64 12.07
N SER C 59 0.17 6.01 10.80
CA SER C 59 -0.45 7.27 10.38
C SER C 59 -1.83 7.43 11.00
N LYS C 60 -2.65 6.37 10.86
CA LYS C 60 -3.99 6.39 11.41
C LYS C 60 -3.90 6.63 12.89
N TRP C 61 -2.97 5.97 13.58
CA TRP C 61 -2.86 6.18 15.02
C TRP C 61 -2.60 7.66 15.28
N GLN C 62 -1.76 8.27 14.44
CA GLN C 62 -1.46 9.68 14.60
C GLN C 62 -2.66 10.57 14.31
N GLU C 63 -3.33 10.36 13.18
CA GLU C 63 -4.50 11.15 12.86
C GLU C 63 -5.49 11.04 14.03
N GLN C 64 -5.59 9.84 14.58
CA GLN C 64 -6.48 9.60 15.72
C GLN C 64 -6.01 10.39 16.95
N TRP C 65 -4.73 10.27 17.30
CA TRP C 65 -4.15 10.97 18.44
C TRP C 65 -4.31 12.49 18.32
N LYS C 66 -4.22 12.98 17.09
CA LYS C 66 -4.34 14.40 16.78
C LYS C 66 -5.70 14.95 17.21
N LYS C 67 -6.76 14.23 16.85
CA LYS C 67 -8.11 14.64 17.20
C LYS C 67 -8.38 14.45 18.70
N GLU C 68 -7.80 13.40 19.26
CA GLU C 68 -8.00 13.06 20.66
C GLU C 68 -7.36 13.97 21.71
N GLN C 69 -6.13 14.40 21.46
CA GLN C 69 -5.40 15.24 22.40
C GLN C 69 -6.00 16.58 22.77
N ILE C 70 -7.01 17.01 22.04
CA ILE C 70 -7.65 18.27 22.35
C ILE C 70 -8.35 18.15 23.72
N LYS C 71 -8.60 16.91 24.15
CA LYS C 71 -9.24 16.66 25.43
C LYS C 71 -8.24 16.98 26.54
N ALA C 72 -6.98 17.24 26.14
CA ALA C 72 -5.92 17.51 27.11
C ALA C 72 -5.26 18.88 26.95
N LYS C 73 -5.72 19.85 27.75
CA LYS C 73 -5.18 21.20 27.68
C LYS C 73 -3.68 21.28 27.95
N THR C 74 -3.25 20.75 29.11
CA THR C 74 -1.85 20.75 29.51
C THR C 74 -1.14 19.49 29.00
N ASN C 75 0.16 19.57 28.76
CA ASN C 75 0.90 18.40 28.29
C ASN C 75 0.92 17.33 29.37
N ARG C 76 0.88 17.73 30.63
CA ARG C 76 0.87 16.74 31.71
C ARG C 76 -0.30 15.81 31.43
N GLU C 77 -1.38 16.43 30.97
CA GLU C 77 -2.59 15.69 30.65
C GLU C 77 -2.39 14.83 29.41
N LYS C 78 -1.74 15.38 28.40
CA LYS C 78 -1.50 14.62 27.18
C LYS C 78 -0.71 13.34 27.50
N PHE C 79 0.22 13.44 28.46
CA PHE C 79 1.02 12.28 28.84
C PHE C 79 0.10 11.18 29.41
N TYR C 80 -0.74 11.56 30.37
CA TYR C 80 -1.70 10.62 30.98
C TYR C 80 -2.60 10.00 29.91
N LEU C 81 -3.22 10.86 29.11
CA LEU C 81 -4.12 10.42 28.07
C LEU C 81 -3.48 9.49 27.06
N TYR C 82 -2.36 9.92 26.51
CA TYR C 82 -1.70 9.10 25.50
C TYR C 82 -1.34 7.70 26.03
N ASN C 83 -0.92 7.62 27.28
CA ASN C 83 -0.55 6.34 27.86
C ASN C 83 -1.76 5.46 28.06
N GLU C 84 -2.83 6.07 28.57
CA GLU C 84 -4.06 5.36 28.81
C GLU C 84 -4.63 4.86 27.48
N LEU C 85 -4.62 5.70 26.45
CA LEU C 85 -5.13 5.29 25.14
C LEU C 85 -4.32 4.12 24.59
N SER C 86 -3.02 4.13 24.83
CA SER C 86 -2.13 3.07 24.34
C SER C 86 -2.48 1.74 24.98
N LEU C 87 -2.90 1.81 26.24
CA LEU C 87 -3.23 0.59 26.97
C LEU C 87 -4.60 0.05 26.63
N THR C 88 -5.61 0.93 26.69
CA THR C 88 -6.98 0.49 26.40
C THR C 88 -7.11 0.08 24.95
N THR C 89 -6.70 0.93 24.03
CA THR C 89 -6.85 0.59 22.62
C THR C 89 -6.14 -0.68 22.19
N GLU C 90 -4.96 -0.94 22.71
CA GLU C 90 -4.28 -2.14 22.27
C GLU C 90 -4.96 -3.41 22.76
N TYR C 91 -5.73 -3.30 23.84
CA TYR C 91 -6.41 -4.48 24.40
C TYR C 91 -7.35 -5.13 23.41
N TYR C 92 -7.92 -4.33 22.53
CA TYR C 92 -8.84 -4.86 21.54
C TYR C 92 -8.42 -4.52 20.14
N TYR C 93 -7.11 -4.56 19.91
CA TYR C 93 -6.55 -4.27 18.60
C TYR C 93 -6.25 -5.63 17.99
N PRO C 94 -7.02 -6.03 16.97
CA PRO C 94 -6.82 -7.33 16.31
C PRO C 94 -5.48 -7.57 15.63
N LEU C 95 -4.90 -6.55 15.01
CA LEU C 95 -3.62 -6.76 14.32
C LEU C 95 -2.49 -7.11 15.29
N GLN C 96 -2.70 -6.82 16.58
CA GLN C 96 -1.69 -7.07 17.59
C GLN C 96 -1.06 -8.45 17.58
N ASN C 97 -1.87 -9.48 17.40
CA ASN C 97 -1.35 -10.84 17.40
C ASN C 97 -0.36 -11.11 16.29
N ALA C 98 -0.65 -10.57 15.12
CA ALA C 98 0.22 -10.73 13.97
C ALA C 98 1.48 -9.90 14.18
N ILE C 99 1.35 -8.78 14.90
CA ILE C 99 2.49 -7.92 15.17
C ILE C 99 3.45 -8.65 16.09
N ILE C 100 2.92 -9.24 17.16
CA ILE C 100 3.72 -10.02 18.13
C ILE C 100 4.45 -11.10 17.32
N GLU C 101 3.67 -11.87 16.59
CA GLU C 101 4.22 -12.95 15.79
C GLU C 101 5.33 -12.45 14.84
N PHE C 102 5.06 -11.36 14.14
CA PHE C 102 6.01 -10.79 13.19
C PHE C 102 7.29 -10.33 13.88
N TYR C 103 7.11 -9.55 14.94
CA TYR C 103 8.19 -8.99 15.74
C TYR C 103 9.11 -10.06 16.33
N THR C 104 8.54 -11.12 16.88
CA THR C 104 9.36 -12.18 17.47
C THR C 104 9.72 -13.18 16.38
N GLU C 105 9.93 -12.67 15.19
CA GLU C 105 10.25 -13.51 14.05
C GLU C 105 11.15 -12.73 13.10
N TYR C 106 11.51 -11.51 13.50
CA TYR C 106 12.38 -10.65 12.69
C TYR C 106 13.20 -9.67 13.52
N TYR C 107 13.25 -9.86 14.83
CA TYR C 107 14.03 -8.97 15.70
C TYR C 107 15.45 -9.51 15.82
N LYS C 108 15.70 -10.60 15.08
CA LYS C 108 17.02 -11.23 15.05
C LYS C 108 17.65 -11.10 13.67
N THR C 109 16.82 -10.78 12.67
CA THR C 109 17.30 -10.61 11.30
C THR C 109 17.45 -9.10 11.03
N ASN C 110 18.68 -8.61 11.17
CA ASN C 110 19.02 -7.20 11.00
C ASN C 110 18.48 -6.45 9.78
N SER C 111 18.17 -7.18 8.71
CA SER C 111 17.63 -6.54 7.51
C SER C 111 16.34 -5.80 7.85
N ILE C 112 15.40 -6.51 8.46
CA ILE C 112 14.10 -5.97 8.87
C ILE C 112 14.26 -5.18 10.18
N ASN C 113 15.35 -4.45 10.31
CA ASN C 113 15.62 -3.63 11.50
C ASN C 113 15.72 -2.16 11.11
N GLU C 114 15.79 -1.89 9.81
CA GLU C 114 15.86 -0.51 9.33
C GLU C 114 14.47 0.10 9.48
N LYS C 115 13.62 -0.16 8.50
CA LYS C 115 12.25 0.35 8.49
C LYS C 115 11.62 0.07 9.85
N MET C 116 12.00 -1.06 10.43
CA MET C 116 11.49 -1.48 11.71
C MET C 116 11.71 -0.45 12.81
N ASN C 117 12.66 0.45 12.58
CA ASN C 117 12.94 1.48 13.58
C ASN C 117 12.52 2.87 13.13
N LYS C 118 12.50 3.12 11.82
CA LYS C 118 12.02 4.43 11.36
C LYS C 118 10.61 4.50 11.95
N LEU C 119 9.99 3.31 12.03
CA LEU C 119 8.65 3.14 12.54
C LEU C 119 8.53 3.45 14.02
N GLU C 120 9.33 2.76 14.82
CA GLU C 120 9.29 2.97 16.25
C GLU C 120 9.58 4.42 16.57
N ASN C 121 10.44 5.04 15.78
CA ASN C 121 10.77 6.44 16.03
C ASN C 121 9.52 7.28 15.91
N LYS C 122 8.62 6.91 15.00
CA LYS C 122 7.38 7.65 14.81
C LYS C 122 6.53 7.62 16.06
N TYR C 123 6.60 6.50 16.77
CA TYR C 123 5.83 6.33 18.00
C TYR C 123 6.41 7.18 19.10
N ILE C 124 7.73 7.26 19.10
CA ILE C 124 8.43 8.04 20.09
C ILE C 124 8.23 9.55 19.87
N ASP C 125 8.04 9.96 18.63
CA ASP C 125 7.80 11.37 18.34
C ASP C 125 6.68 11.88 19.21
N ALA C 126 5.60 11.10 19.29
CA ALA C 126 4.47 11.52 20.10
C ALA C 126 4.93 12.01 21.46
N TYR C 127 5.83 11.26 22.11
CA TYR C 127 6.33 11.63 23.43
C TYR C 127 7.26 12.82 23.34
N HIS C 128 8.10 12.81 22.30
CA HIS C 128 9.01 13.91 22.06
C HIS C 128 8.23 15.21 22.01
N VAL C 129 7.16 15.25 21.21
CA VAL C 129 6.39 16.47 21.12
C VAL C 129 5.81 16.83 22.47
N ILE C 130 5.27 15.84 23.17
CA ILE C 130 4.67 16.10 24.48
C ILE C 130 5.70 16.76 25.41
N PHE C 131 6.86 16.14 25.50
CA PHE C 131 7.93 16.62 26.36
C PHE C 131 8.50 17.98 25.97
N LYS C 132 8.80 18.16 24.68
CA LYS C 132 9.31 19.44 24.23
C LYS C 132 8.29 20.50 24.64
N GLU C 133 7.11 20.45 24.03
CA GLU C 133 6.05 21.39 24.34
C GLU C 133 5.87 21.59 25.85
N GLY C 134 6.14 20.54 26.63
CA GLY C 134 6.00 20.63 28.06
C GLY C 134 7.02 21.59 28.66
N ASN C 135 8.16 21.70 27.97
CA ASN C 135 9.23 22.60 28.37
C ASN C 135 8.81 24.04 28.12
N LEU C 136 8.37 24.31 26.90
CA LEU C 136 7.93 25.63 26.49
C LEU C 136 6.65 26.06 27.22
N ASN C 137 6.40 25.45 28.38
CA ASN C 137 5.22 25.79 29.17
C ASN C 137 5.55 25.67 30.64
N GLY C 138 6.83 25.45 30.94
CA GLY C 138 7.23 25.34 32.32
C GLY C 138 6.44 24.27 33.03
N GLU C 139 5.98 23.28 32.28
CA GLU C 139 5.25 22.19 32.88
C GLU C 139 6.30 21.28 33.53
N TRP C 140 7.53 21.44 33.07
CA TRP C 140 8.65 20.67 33.57
C TRP C 140 9.88 21.11 32.79
N SER C 141 11.06 20.77 33.29
CA SER C 141 12.27 21.13 32.57
C SER C 141 13.08 19.88 32.27
N ILE C 142 13.12 19.50 31.00
CA ILE C 142 13.86 18.32 30.57
C ILE C 142 14.89 18.77 29.56
N ASN C 143 16.18 18.54 29.85
CA ASN C 143 17.22 18.95 28.93
C ASN C 143 17.69 17.82 28.03
N ASP C 144 17.17 16.62 28.28
CA ASP C 144 17.55 15.43 27.50
C ASP C 144 16.30 14.74 26.92
N VAL C 145 15.36 15.57 26.48
CA VAL C 145 14.09 15.10 25.91
C VAL C 145 14.18 13.78 25.15
N ASN C 146 14.90 13.75 24.03
CA ASN C 146 15.02 12.52 23.25
C ASN C 146 15.20 11.28 24.13
N ALA C 147 15.96 11.43 25.21
CA ALA C 147 16.21 10.34 26.13
C ALA C 147 14.93 9.99 26.87
N VAL C 148 14.46 10.93 27.69
CA VAL C 148 13.25 10.73 28.45
C VAL C 148 12.16 10.16 27.53
N SER C 149 12.15 10.57 26.26
CA SER C 149 11.16 10.06 25.32
C SER C 149 11.30 8.56 25.05
N LYS C 150 12.49 8.11 24.63
CA LYS C 150 12.67 6.68 24.38
C LYS C 150 12.30 5.91 25.64
N ILE C 151 12.62 6.49 26.79
CA ILE C 151 12.35 5.84 28.05
C ILE C 151 10.85 5.67 28.29
N ALA C 152 10.10 6.76 28.25
CA ALA C 152 8.66 6.69 28.46
C ALA C 152 8.02 5.76 27.43
N ALA C 153 8.43 5.88 26.18
CA ALA C 153 7.84 5.04 25.15
C ALA C 153 8.01 3.58 25.50
N ASN C 154 9.23 3.13 25.70
CA ASN C 154 9.45 1.73 25.99
C ASN C 154 8.91 1.27 27.36
N ALA C 155 8.87 2.16 28.35
CA ALA C 155 8.36 1.75 29.66
C ALA C 155 6.86 1.52 29.52
N VAL C 156 6.17 2.52 28.95
CA VAL C 156 4.73 2.43 28.71
C VAL C 156 4.43 1.17 27.90
N ASN C 157 5.15 0.98 26.81
CA ASN C 157 4.97 -0.20 26.00
C ASN C 157 5.09 -1.48 26.83
N GLY C 158 5.99 -1.48 27.80
CA GLY C 158 6.18 -2.65 28.61
C GLY C 158 5.02 -2.89 29.56
N ILE C 159 4.50 -1.80 30.12
CA ILE C 159 3.37 -1.87 31.04
C ILE C 159 2.17 -2.42 30.29
N VAL C 160 2.02 -2.00 29.04
CA VAL C 160 0.90 -2.44 28.21
C VAL C 160 1.02 -3.91 27.81
N THR C 161 2.22 -4.34 27.45
CA THR C 161 2.45 -5.71 27.00
C THR C 161 2.68 -6.78 28.07
N PHE C 162 3.24 -6.40 29.21
CA PHE C 162 3.54 -7.39 30.22
C PHE C 162 2.54 -7.49 31.35
N THR C 163 1.57 -6.59 31.37
CA THR C 163 0.57 -6.66 32.42
C THR C 163 -0.52 -7.62 31.97
N HIS C 164 -0.67 -7.77 30.65
CA HIS C 164 -1.71 -8.62 30.04
C HIS C 164 -2.05 -9.89 30.86
N GLU C 165 -2.86 -9.66 31.89
CA GLU C 165 -3.35 -10.67 32.82
C GLU C 165 -4.01 -9.97 34.00
N GLN C 166 -5.35 -10.01 34.03
CA GLN C 166 -6.20 -9.42 35.09
C GLN C 166 -7.25 -8.46 34.53
N ASN C 167 -8.09 -7.92 35.41
CA ASN C 167 -9.15 -6.98 35.03
C ASN C 167 -8.64 -5.66 34.44
N ILE C 168 -9.23 -5.27 33.30
CA ILE C 168 -8.84 -4.06 32.59
C ILE C 168 -8.86 -2.81 33.44
N ASN C 169 -9.73 -2.75 34.42
CA ASN C 169 -9.78 -1.55 35.22
C ASN C 169 -8.50 -1.36 36.02
N GLU C 170 -8.00 -2.46 36.57
CA GLU C 170 -6.78 -2.43 37.36
C GLU C 170 -5.59 -1.98 36.49
N ARG C 171 -5.52 -2.51 35.28
CA ARG C 171 -4.47 -2.18 34.34
C ARG C 171 -4.42 -0.69 34.12
N ILE C 172 -5.58 -0.10 33.88
CA ILE C 172 -5.66 1.33 33.63
C ILE C 172 -5.24 2.08 34.90
N LYS C 173 -5.57 1.51 36.04
CA LYS C 173 -5.23 2.09 37.34
C LYS C 173 -3.70 2.18 37.44
N LEU C 174 -3.02 1.06 37.13
CA LEU C 174 -1.58 1.00 37.18
C LEU C 174 -0.95 1.91 36.15
N MET C 175 -1.49 1.92 34.94
CA MET C 175 -0.92 2.79 33.91
C MET C 175 -1.03 4.26 34.31
N ASN C 176 -2.06 4.62 35.07
CA ASN C 176 -2.18 6.01 35.51
C ASN C 176 -1.20 6.24 36.64
N LYS C 177 -1.06 5.25 37.52
CA LYS C 177 -0.13 5.36 38.63
C LYS C 177 1.24 5.67 38.06
N PHE C 178 1.67 4.86 37.09
CA PHE C 178 2.95 5.05 36.43
C PHE C 178 3.10 6.48 35.88
N SER C 179 2.13 6.95 35.11
CA SER C 179 2.21 8.29 34.55
C SER C 179 2.35 9.36 35.63
N GLN C 180 1.76 9.11 36.79
CA GLN C 180 1.86 10.07 37.87
C GLN C 180 3.28 10.15 38.43
N ILE C 181 3.85 8.98 38.76
CA ILE C 181 5.19 8.83 39.30
C ILE C 181 6.24 9.38 38.34
N PHE C 182 6.18 8.92 37.09
CA PHE C 182 7.12 9.35 36.06
C PHE C 182 7.12 10.88 35.87
N LEU C 183 5.94 11.46 35.81
CA LEU C 183 5.86 12.90 35.64
C LEU C 183 6.33 13.62 36.90
N ASN C 184 6.32 12.92 38.02
CA ASN C 184 6.72 13.52 39.28
C ASN C 184 8.24 13.49 39.41
N GLY C 185 8.86 12.48 38.81
CA GLY C 185 10.30 12.37 38.87
C GLY C 185 10.95 13.24 37.81
N LEU C 186 10.18 14.15 37.21
CA LEU C 186 10.72 15.01 36.18
C LEU C 186 10.84 16.45 36.64
N SER C 187 9.85 16.88 37.43
CA SER C 187 9.75 18.24 37.98
C SER C 187 11.03 19.09 37.94
N ASN D 2 12.13 -16.05 -8.86
CA ASN D 2 13.18 -16.08 -9.92
C ASN D 2 13.27 -14.78 -10.72
N LEU D 3 14.50 -14.32 -10.95
CA LEU D 3 14.74 -13.08 -11.68
C LEU D 3 13.91 -12.88 -12.95
N LYS D 4 13.75 -13.91 -13.77
CA LYS D 4 12.96 -13.74 -14.98
C LYS D 4 11.60 -13.13 -14.65
N ASP D 5 10.89 -13.77 -13.71
CA ASP D 5 9.58 -13.32 -13.28
C ASP D 5 9.56 -11.96 -12.59
N LYS D 6 10.59 -11.63 -11.85
CA LYS D 6 10.65 -10.35 -11.16
C LYS D 6 10.74 -9.22 -12.18
N ILE D 7 11.51 -9.46 -13.25
CA ILE D 7 11.72 -8.51 -14.35
C ILE D 7 10.39 -8.23 -15.03
N LEU D 8 9.74 -9.31 -15.49
CA LEU D 8 8.44 -9.22 -16.16
C LEU D 8 7.41 -8.52 -15.27
N GLY D 9 7.46 -8.85 -13.98
CA GLY D 9 6.54 -8.27 -13.02
C GLY D 9 6.76 -6.79 -12.84
N VAL D 10 8.01 -6.36 -12.72
CA VAL D 10 8.28 -4.94 -12.52
C VAL D 10 8.19 -4.12 -13.82
N ALA D 11 8.45 -4.75 -14.96
CA ALA D 11 8.37 -4.03 -16.22
C ALA D 11 6.89 -3.75 -16.54
N LYS D 12 6.03 -4.73 -16.31
CA LYS D 12 4.62 -4.53 -16.58
C LYS D 12 4.13 -3.33 -15.77
N GLU D 13 4.41 -3.33 -14.47
CA GLU D 13 3.95 -2.23 -13.63
C GLU D 13 4.53 -0.89 -14.06
N LEU D 14 5.83 -0.85 -14.35
CA LEU D 14 6.46 0.39 -14.78
C LEU D 14 5.85 0.92 -16.08
N PHE D 15 5.60 0.05 -17.04
CA PHE D 15 4.99 0.48 -18.30
C PHE D 15 3.61 1.07 -18.06
N ILE D 16 2.87 0.49 -17.12
CA ILE D 16 1.53 0.97 -16.82
C ILE D 16 1.54 2.36 -16.24
N LYS D 17 2.49 2.61 -15.35
CA LYS D 17 2.62 3.90 -14.69
C LYS D 17 3.24 4.99 -15.55
N ASN D 18 4.35 4.68 -16.21
CA ASN D 18 5.08 5.67 -17.00
C ASN D 18 4.85 5.71 -18.50
N GLY D 19 4.56 4.56 -19.09
CA GLY D 19 4.37 4.51 -20.52
C GLY D 19 5.53 3.69 -21.06
N TYR D 20 5.61 3.55 -22.38
CA TYR D 20 6.69 2.76 -22.97
C TYR D 20 8.06 3.46 -23.02
N ASN D 21 8.08 4.70 -23.46
CA ASN D 21 9.35 5.41 -23.58
C ASN D 21 10.07 5.75 -22.27
N ALA D 22 9.36 6.29 -21.29
CA ALA D 22 9.98 6.65 -20.02
C ALA D 22 10.58 5.45 -19.29
N THR D 23 10.05 4.26 -19.53
CA THR D 23 10.53 3.05 -18.86
C THR D 23 11.85 2.57 -19.43
N THR D 24 12.92 2.71 -18.66
CA THR D 24 14.24 2.28 -19.11
C THR D 24 14.63 0.92 -18.57
N THR D 25 15.40 0.21 -19.37
CA THR D 25 15.89 -1.11 -19.03
C THR D 25 16.59 -1.07 -17.68
N GLY D 26 17.24 0.06 -17.37
CA GLY D 26 17.93 0.20 -16.12
C GLY D 26 17.03 0.30 -14.91
N GLU D 27 15.97 1.10 -15.01
CA GLU D 27 15.03 1.27 -13.91
C GLU D 27 14.37 -0.07 -13.58
N ILE D 28 14.01 -0.83 -14.61
CA ILE D 28 13.43 -2.15 -14.39
C ILE D 28 14.41 -2.90 -13.50
N VAL D 29 15.61 -3.08 -14.03
CA VAL D 29 16.68 -3.80 -13.33
C VAL D 29 16.85 -3.40 -11.85
N LYS D 30 16.86 -2.10 -11.56
CA LYS D 30 16.98 -1.67 -10.18
C LYS D 30 15.91 -2.35 -9.33
N LEU D 31 14.66 -1.93 -9.51
CA LEU D 31 13.49 -2.45 -8.79
C LEU D 31 13.30 -3.97 -8.82
N SER D 32 13.75 -4.62 -9.88
CA SER D 32 13.61 -6.06 -9.98
C SER D 32 14.72 -6.75 -9.23
N GLU D 33 15.57 -5.96 -8.58
CA GLU D 33 16.72 -6.49 -7.82
C GLU D 33 17.48 -7.40 -8.76
N SER D 34 18.15 -6.80 -9.75
CA SER D 34 18.88 -7.57 -10.74
C SER D 34 19.96 -6.76 -11.44
N SER D 35 20.44 -7.28 -12.57
CA SER D 35 21.48 -6.64 -13.37
C SER D 35 21.06 -6.57 -14.84
N LYS D 36 21.45 -5.50 -15.52
CA LYS D 36 21.09 -5.34 -16.93
C LYS D 36 21.56 -6.56 -17.70
N GLY D 37 22.76 -7.02 -17.38
CA GLY D 37 23.31 -8.20 -18.03
C GLY D 37 22.35 -9.37 -17.90
N ASN D 38 21.72 -9.47 -16.73
CA ASN D 38 20.77 -10.54 -16.53
C ASN D 38 19.52 -10.31 -17.37
N LEU D 39 19.00 -9.09 -17.33
CA LEU D 39 17.80 -8.75 -18.09
C LEU D 39 18.03 -9.06 -19.56
N TYR D 40 19.13 -8.53 -20.11
CA TYR D 40 19.47 -8.71 -21.52
C TYR D 40 19.64 -10.14 -21.99
N TYR D 41 20.10 -11.01 -21.10
CA TYR D 41 20.25 -12.42 -21.45
C TYR D 41 18.85 -13.05 -21.57
N HIS D 42 18.02 -12.84 -20.54
CA HIS D 42 16.67 -13.37 -20.49
C HIS D 42 15.81 -12.87 -21.65
N PHE D 43 15.92 -11.58 -21.93
CA PHE D 43 15.17 -10.97 -23.00
C PHE D 43 16.20 -10.24 -23.83
N LYS D 44 16.21 -10.52 -25.14
CA LYS D 44 17.17 -9.92 -26.06
C LYS D 44 17.20 -8.40 -25.95
N THR D 45 16.04 -7.77 -26.15
CA THR D 45 15.92 -6.31 -26.08
C THR D 45 14.74 -5.89 -25.22
N LYS D 46 14.56 -4.59 -25.06
CA LYS D 46 13.46 -4.09 -24.27
C LYS D 46 12.16 -4.33 -25.01
N GLU D 47 12.16 -4.07 -26.31
CA GLU D 47 10.97 -4.25 -27.13
C GLU D 47 10.55 -5.71 -27.05
N ASN D 48 11.53 -6.61 -27.03
CA ASN D 48 11.24 -8.03 -26.94
C ASN D 48 10.57 -8.30 -25.57
N LEU D 49 11.16 -7.76 -24.51
CA LEU D 49 10.61 -7.90 -23.15
C LEU D 49 9.18 -7.42 -23.10
N PHE D 50 8.96 -6.20 -23.59
CA PHE D 50 7.63 -5.63 -23.61
C PHE D 50 6.71 -6.55 -24.38
N LEU D 51 7.13 -6.90 -25.59
CA LEU D 51 6.35 -7.77 -26.45
C LEU D 51 5.94 -9.09 -25.78
N GLU D 52 6.79 -9.64 -24.93
CA GLU D 52 6.44 -10.89 -24.25
C GLU D 52 5.46 -10.61 -23.13
N ILE D 53 5.64 -9.49 -22.45
CA ILE D 53 4.74 -9.11 -21.37
C ILE D 53 3.35 -9.04 -21.96
N LEU D 54 3.27 -8.59 -23.21
CA LEU D 54 2.00 -8.43 -23.92
C LEU D 54 1.35 -9.76 -24.29
N ASN D 55 2.14 -10.76 -24.62
CA ASN D 55 1.58 -12.06 -24.95
C ASN D 55 0.89 -12.59 -23.71
N ILE D 56 1.57 -12.47 -22.57
CA ILE D 56 0.99 -12.92 -21.31
C ILE D 56 -0.33 -12.19 -21.06
N GLU D 57 -0.32 -10.87 -21.20
CA GLU D 57 -1.53 -10.09 -21.01
C GLU D 57 -2.62 -10.67 -21.88
N GLU D 58 -2.27 -11.06 -23.10
CA GLU D 58 -3.24 -11.63 -24.04
C GLU D 58 -3.88 -12.91 -23.49
N SER D 59 -3.09 -13.97 -23.33
CA SER D 59 -3.66 -15.21 -22.83
C SER D 59 -4.35 -15.07 -21.46
N LYS D 60 -3.79 -14.30 -20.55
CA LYS D 60 -4.41 -14.13 -19.24
C LYS D 60 -5.85 -13.61 -19.38
N TRP D 61 -6.06 -12.62 -20.24
CA TRP D 61 -7.37 -12.02 -20.48
C TRP D 61 -8.28 -12.97 -21.22
N GLN D 62 -7.73 -13.62 -22.23
CA GLN D 62 -8.50 -14.58 -23.02
C GLN D 62 -9.04 -15.63 -22.07
N GLU D 63 -8.14 -16.17 -21.25
CA GLU D 63 -8.46 -17.19 -20.26
C GLU D 63 -9.53 -16.71 -19.29
N GLN D 64 -9.46 -15.45 -18.90
CA GLN D 64 -10.44 -14.88 -18.00
C GLN D 64 -11.78 -14.79 -18.73
N TRP D 65 -11.76 -14.30 -19.97
CA TRP D 65 -12.97 -14.16 -20.76
C TRP D 65 -13.61 -15.52 -20.99
N LYS D 66 -12.78 -16.53 -21.23
CA LYS D 66 -13.26 -17.88 -21.48
C LYS D 66 -14.07 -18.42 -20.30
N LYS D 67 -13.62 -18.12 -19.09
CA LYS D 67 -14.31 -18.59 -17.91
C LYS D 67 -15.52 -17.70 -17.59
N GLU D 68 -15.45 -16.46 -18.02
CA GLU D 68 -16.51 -15.49 -17.75
C GLU D 68 -17.72 -15.57 -18.66
N GLN D 69 -17.50 -15.84 -19.95
CA GLN D 69 -18.60 -15.86 -20.91
C GLN D 69 -19.69 -16.88 -20.62
N ILE D 70 -19.31 -18.03 -20.09
CA ILE D 70 -20.28 -19.06 -19.75
C ILE D 70 -21.44 -18.47 -18.95
N LYS D 71 -21.17 -17.36 -18.25
CA LYS D 71 -22.18 -16.71 -17.42
C LYS D 71 -23.24 -15.94 -18.21
N ALA D 72 -22.96 -15.71 -19.49
CA ALA D 72 -23.91 -14.97 -20.32
C ALA D 72 -24.55 -15.95 -21.28
N LYS D 73 -25.88 -15.96 -21.28
CA LYS D 73 -26.66 -16.85 -22.13
C LYS D 73 -26.60 -16.36 -23.57
N THR D 74 -27.29 -15.26 -23.82
CA THR D 74 -27.36 -14.67 -25.15
C THR D 74 -26.07 -13.92 -25.46
N ASN D 75 -25.86 -13.65 -26.74
CA ASN D 75 -24.68 -12.92 -27.17
C ASN D 75 -24.83 -11.47 -26.75
N ARG D 76 -26.07 -10.98 -26.67
CA ARG D 76 -26.31 -9.61 -26.26
C ARG D 76 -25.68 -9.45 -24.88
N GLU D 77 -26.01 -10.37 -23.97
CA GLU D 77 -25.50 -10.32 -22.61
C GLU D 77 -23.97 -10.40 -22.57
N LYS D 78 -23.40 -11.20 -23.46
CA LYS D 78 -21.95 -11.31 -23.52
C LYS D 78 -21.34 -9.94 -23.82
N PHE D 79 -21.88 -9.25 -24.81
CA PHE D 79 -21.38 -7.92 -25.16
C PHE D 79 -21.36 -7.01 -23.92
N TYR D 80 -22.46 -7.03 -23.15
CA TYR D 80 -22.56 -6.23 -21.94
C TYR D 80 -21.46 -6.64 -20.96
N LEU D 81 -21.42 -7.94 -20.66
CA LEU D 81 -20.43 -8.52 -19.73
C LEU D 81 -19.01 -8.19 -20.15
N TYR D 82 -18.60 -8.66 -21.33
CA TYR D 82 -17.26 -8.41 -21.83
C TYR D 82 -16.81 -6.96 -21.63
N ASN D 83 -17.67 -6.02 -21.99
CA ASN D 83 -17.37 -4.60 -21.85
C ASN D 83 -17.17 -4.19 -20.40
N GLU D 84 -18.05 -4.67 -19.53
CA GLU D 84 -17.96 -4.37 -18.11
C GLU D 84 -16.67 -5.02 -17.55
N LEU D 85 -16.37 -6.24 -17.97
CA LEU D 85 -15.16 -6.89 -17.50
C LEU D 85 -13.93 -6.10 -17.92
N SER D 86 -14.04 -5.38 -19.03
CA SER D 86 -12.91 -4.60 -19.53
C SER D 86 -12.54 -3.53 -18.56
N LEU D 87 -13.54 -3.05 -17.81
CA LEU D 87 -13.33 -2.01 -16.82
C LEU D 87 -12.61 -2.43 -15.56
N THR D 88 -12.94 -3.62 -15.09
CA THR D 88 -12.39 -4.15 -13.86
C THR D 88 -11.25 -5.14 -13.97
N THR D 89 -10.96 -5.63 -15.17
CA THR D 89 -9.88 -6.58 -15.33
C THR D 89 -8.55 -5.88 -15.12
N GLU D 90 -7.55 -6.65 -14.73
CA GLU D 90 -6.23 -6.07 -14.51
C GLU D 90 -5.35 -6.43 -15.70
N TYR D 91 -5.97 -7.06 -16.70
CA TYR D 91 -5.24 -7.50 -17.88
C TYR D 91 -5.44 -6.65 -19.13
N TYR D 92 -4.36 -6.49 -19.88
CA TYR D 92 -4.39 -5.75 -21.12
C TYR D 92 -4.78 -4.27 -21.07
N TYR D 93 -5.99 -3.96 -20.66
CA TYR D 93 -6.39 -2.55 -20.66
C TYR D 93 -5.52 -1.57 -19.85
N PRO D 94 -4.88 -2.02 -18.76
CA PRO D 94 -4.08 -1.04 -18.02
C PRO D 94 -2.81 -0.60 -18.77
N LEU D 95 -2.46 -1.37 -19.80
CA LEU D 95 -1.27 -1.12 -20.62
C LEU D 95 -1.53 -0.42 -21.97
N GLN D 96 -2.74 0.07 -22.20
CA GLN D 96 -3.06 0.70 -23.48
C GLN D 96 -2.10 1.78 -23.88
N ASN D 97 -1.93 2.75 -23.00
CA ASN D 97 -1.03 3.83 -23.29
C ASN D 97 0.30 3.32 -23.81
N ALA D 98 1.02 2.59 -22.98
CA ALA D 98 2.31 2.04 -23.38
C ALA D 98 2.21 1.28 -24.73
N ILE D 99 1.12 0.56 -24.95
CA ILE D 99 0.96 -0.17 -26.20
C ILE D 99 0.90 0.77 -27.39
N ILE D 100 0.07 1.82 -27.29
CA ILE D 100 -0.06 2.81 -28.35
C ILE D 100 1.34 3.29 -28.75
N GLU D 101 2.06 3.82 -27.76
CA GLU D 101 3.41 4.33 -27.97
C GLU D 101 4.28 3.29 -28.68
N PHE D 102 4.37 2.10 -28.08
CA PHE D 102 5.18 1.02 -28.64
C PHE D 102 4.82 0.70 -30.07
N TYR D 103 3.52 0.71 -30.36
CA TYR D 103 3.05 0.42 -31.71
C TYR D 103 3.37 1.55 -32.68
N THR D 104 3.15 2.79 -32.26
CA THR D 104 3.44 3.92 -33.14
C THR D 104 4.94 4.02 -33.39
N GLU D 105 5.75 3.54 -32.45
CA GLU D 105 7.20 3.62 -32.59
C GLU D 105 7.87 2.43 -33.27
N TYR D 106 7.16 1.32 -33.40
CA TYR D 106 7.76 0.14 -34.00
C TYR D 106 6.87 -0.57 -35.00
N TYR D 107 5.97 0.15 -35.65
CA TYR D 107 5.11 -0.52 -36.62
C TYR D 107 5.79 -0.49 -37.97
N LYS D 108 6.83 0.33 -38.08
CA LYS D 108 7.60 0.44 -39.30
C LYS D 108 8.40 -0.85 -39.45
N THR D 109 8.86 -1.38 -38.32
CA THR D 109 9.64 -2.62 -38.29
C THR D 109 8.84 -3.80 -38.82
N ASN D 110 9.51 -4.64 -39.61
CA ASN D 110 8.90 -5.82 -40.24
C ASN D 110 8.24 -6.82 -39.27
N SER D 111 9.07 -7.58 -38.57
CA SER D 111 8.60 -8.58 -37.64
C SER D 111 7.72 -8.05 -36.52
N ILE D 112 8.24 -7.08 -35.76
CA ILE D 112 7.50 -6.49 -34.65
C ILE D 112 6.07 -6.10 -34.98
N ASN D 113 5.86 -5.51 -36.15
CA ASN D 113 4.53 -5.08 -36.56
C ASN D 113 3.53 -6.23 -36.78
N GLU D 114 3.96 -7.32 -37.39
CA GLU D 114 3.07 -8.43 -37.62
C GLU D 114 2.80 -9.15 -36.31
N LYS D 115 3.88 -9.44 -35.58
CA LYS D 115 3.78 -10.12 -34.30
C LYS D 115 2.82 -9.30 -33.43
N MET D 116 2.78 -7.99 -33.69
CA MET D 116 1.93 -7.08 -32.95
C MET D 116 0.50 -7.09 -33.50
N ASN D 117 0.36 -7.24 -34.81
CA ASN D 117 -0.97 -7.27 -35.43
C ASN D 117 -1.69 -8.57 -35.11
N LYS D 118 -0.93 -9.61 -34.84
CA LYS D 118 -1.50 -10.91 -34.50
C LYS D 118 -2.04 -10.82 -33.08
N LEU D 119 -1.48 -9.90 -32.28
CA LEU D 119 -1.91 -9.69 -30.91
C LEU D 119 -3.19 -8.85 -30.95
N GLU D 120 -3.20 -7.86 -31.83
CA GLU D 120 -4.35 -6.97 -31.97
C GLU D 120 -5.56 -7.74 -32.47
N ASN D 121 -5.32 -8.75 -33.29
CA ASN D 121 -6.41 -9.54 -33.86
C ASN D 121 -7.13 -10.38 -32.83
N LYS D 122 -6.41 -10.80 -31.80
CA LYS D 122 -7.04 -11.60 -30.76
C LYS D 122 -7.98 -10.73 -29.91
N TYR D 123 -7.58 -9.50 -29.66
CA TYR D 123 -8.43 -8.63 -28.86
C TYR D 123 -9.72 -8.30 -29.58
N ILE D 124 -9.67 -8.13 -30.89
CA ILE D 124 -10.88 -7.81 -31.67
C ILE D 124 -11.73 -9.06 -31.88
N ASP D 125 -11.08 -10.21 -31.99
CA ASP D 125 -11.77 -11.47 -32.21
C ASP D 125 -12.83 -11.72 -31.15
N ALA D 126 -12.52 -11.39 -29.89
CA ALA D 126 -13.48 -11.60 -28.81
C ALA D 126 -14.82 -11.01 -29.23
N TYR D 127 -14.76 -9.82 -29.82
CA TYR D 127 -15.95 -9.14 -30.29
C TYR D 127 -16.47 -9.86 -31.54
N HIS D 128 -15.54 -10.14 -32.45
CA HIS D 128 -15.85 -10.84 -33.70
C HIS D 128 -16.77 -12.02 -33.43
N VAL D 129 -16.35 -12.89 -32.52
CA VAL D 129 -17.14 -14.08 -32.16
C VAL D 129 -18.52 -13.72 -31.63
N ILE D 130 -18.58 -12.78 -30.69
CA ILE D 130 -19.86 -12.37 -30.12
C ILE D 130 -20.86 -11.90 -31.18
N PHE D 131 -20.41 -11.04 -32.09
CA PHE D 131 -21.28 -10.54 -33.14
C PHE D 131 -21.62 -11.59 -34.19
N LYS D 132 -20.61 -12.35 -34.64
CA LYS D 132 -20.87 -13.39 -35.62
C LYS D 132 -21.94 -14.32 -35.05
N GLU D 133 -21.56 -15.08 -34.03
CA GLU D 133 -22.46 -16.03 -33.38
C GLU D 133 -23.81 -15.42 -32.99
N GLY D 134 -23.88 -14.10 -32.94
CA GLY D 134 -25.13 -13.45 -32.56
C GLY D 134 -26.04 -13.34 -33.78
N ASN D 135 -25.42 -13.18 -34.94
CA ASN D 135 -26.13 -13.09 -36.21
C ASN D 135 -26.94 -14.35 -36.37
N LEU D 136 -26.25 -15.49 -36.30
CA LEU D 136 -26.89 -16.78 -36.46
C LEU D 136 -27.64 -17.20 -35.21
N ASN D 137 -28.36 -16.25 -34.61
CA ASN D 137 -29.15 -16.48 -33.41
C ASN D 137 -30.24 -15.41 -33.35
N GLY D 138 -30.34 -14.68 -34.46
CA GLY D 138 -31.34 -13.64 -34.59
C GLY D 138 -31.22 -12.47 -33.65
N GLU D 139 -30.31 -12.56 -32.68
CA GLU D 139 -30.12 -11.50 -31.72
C GLU D 139 -29.92 -10.19 -32.47
N TRP D 140 -29.51 -10.31 -33.73
CA TRP D 140 -29.25 -9.14 -34.56
C TRP D 140 -28.70 -9.59 -35.90
N SER D 141 -28.44 -8.63 -36.79
CA SER D 141 -27.87 -8.92 -38.09
C SER D 141 -26.87 -7.82 -38.41
N ILE D 142 -25.59 -8.16 -38.33
CA ILE D 142 -24.55 -7.18 -38.57
C ILE D 142 -24.06 -7.14 -40.02
N ASN D 143 -23.95 -5.92 -40.55
CA ASN D 143 -23.46 -5.71 -41.90
C ASN D 143 -22.08 -6.36 -41.99
N ASP D 144 -21.04 -5.65 -41.56
CA ASP D 144 -19.68 -6.17 -41.57
C ASP D 144 -19.13 -6.33 -40.16
N VAL D 145 -19.15 -7.57 -39.68
CA VAL D 145 -18.66 -7.92 -38.35
C VAL D 145 -17.29 -7.30 -38.05
N ASN D 146 -16.31 -7.60 -38.89
CA ASN D 146 -14.96 -7.07 -38.65
C ASN D 146 -15.00 -5.58 -38.42
N ALA D 147 -15.85 -4.89 -39.16
CA ALA D 147 -15.96 -3.45 -39.01
C ALA D 147 -16.42 -3.16 -37.59
N VAL D 148 -17.69 -3.42 -37.35
CA VAL D 148 -18.31 -3.22 -36.06
C VAL D 148 -17.46 -3.70 -34.89
N SER D 149 -16.77 -4.83 -35.05
CA SER D 149 -15.94 -5.36 -33.98
C SER D 149 -14.77 -4.41 -33.62
N LYS D 150 -14.15 -3.81 -34.63
CA LYS D 150 -13.04 -2.90 -34.38
C LYS D 150 -13.59 -1.63 -33.73
N ILE D 151 -14.82 -1.26 -34.05
CA ILE D 151 -15.40 -0.06 -33.47
C ILE D 151 -15.70 -0.32 -31.99
N ALA D 152 -16.27 -1.49 -31.70
CA ALA D 152 -16.58 -1.83 -30.34
C ALA D 152 -15.29 -1.85 -29.52
N ALA D 153 -14.32 -2.65 -29.96
CA ALA D 153 -13.06 -2.75 -29.22
C ALA D 153 -12.50 -1.37 -28.91
N ASN D 154 -12.25 -0.59 -29.94
CA ASN D 154 -11.68 0.73 -29.78
C ASN D 154 -12.57 1.70 -29.02
N ALA D 155 -13.88 1.55 -29.15
CA ALA D 155 -14.80 2.43 -28.43
C ALA D 155 -14.74 2.11 -26.94
N VAL D 156 -14.93 0.83 -26.63
CA VAL D 156 -14.90 0.36 -25.25
C VAL D 156 -13.53 0.66 -24.66
N ASN D 157 -12.50 0.33 -25.42
CA ASN D 157 -11.15 0.57 -24.98
C ASN D 157 -11.01 2.05 -24.66
N GLY D 158 -11.84 2.86 -25.29
CA GLY D 158 -11.80 4.28 -25.05
C GLY D 158 -12.46 4.63 -23.75
N ILE D 159 -13.61 4.03 -23.47
CA ILE D 159 -14.32 4.29 -22.23
C ILE D 159 -13.42 3.88 -21.08
N VAL D 160 -12.78 2.73 -21.23
CA VAL D 160 -11.93 2.22 -20.17
C VAL D 160 -10.71 3.03 -19.82
N THR D 161 -10.01 3.58 -20.81
CA THR D 161 -8.83 4.35 -20.48
C THR D 161 -8.98 5.85 -20.62
N PHE D 162 -10.16 6.37 -20.30
CA PHE D 162 -10.42 7.80 -20.36
C PHE D 162 -11.46 8.18 -19.34
N THR D 163 -11.75 7.26 -18.43
CA THR D 163 -12.71 7.50 -17.39
C THR D 163 -12.17 7.02 -16.04
N HIS D 164 -10.84 6.98 -15.91
CA HIS D 164 -10.19 6.55 -14.66
C HIS D 164 -10.39 7.60 -13.56
N GLU D 165 -11.42 8.42 -13.74
CA GLU D 165 -11.77 9.47 -12.78
C GLU D 165 -12.65 8.87 -11.68
N GLN D 166 -13.95 9.12 -11.77
CA GLN D 166 -14.88 8.63 -10.77
C GLN D 166 -14.69 7.14 -10.49
N ASN D 167 -15.32 6.70 -9.40
CA ASN D 167 -15.26 5.33 -8.93
C ASN D 167 -15.70 4.29 -9.95
N ILE D 168 -15.57 3.01 -9.59
CA ILE D 168 -15.91 1.91 -10.48
C ILE D 168 -17.39 1.66 -10.72
N ASN D 169 -18.24 2.09 -9.81
CA ASN D 169 -19.66 1.88 -9.98
C ASN D 169 -20.23 2.82 -11.04
N GLU D 170 -19.71 4.05 -11.09
CA GLU D 170 -20.17 5.02 -12.07
C GLU D 170 -19.61 4.68 -13.45
N ARG D 171 -18.42 4.09 -13.46
CA ARG D 171 -17.84 3.70 -14.71
C ARG D 171 -18.76 2.61 -15.29
N ILE D 172 -18.85 1.49 -14.59
CA ILE D 172 -19.71 0.40 -15.04
C ILE D 172 -21.09 0.91 -15.41
N LYS D 173 -21.54 1.98 -14.75
CA LYS D 173 -22.85 2.55 -15.02
C LYS D 173 -22.88 3.11 -16.44
N LEU D 174 -21.84 3.83 -16.82
CA LEU D 174 -21.76 4.42 -18.15
C LEU D 174 -21.53 3.37 -19.23
N MET D 175 -20.64 2.42 -18.95
CA MET D 175 -20.28 1.34 -19.87
C MET D 175 -21.50 0.52 -20.24
N ASN D 176 -22.43 0.35 -19.31
CA ASN D 176 -23.64 -0.38 -19.61
C ASN D 176 -24.52 0.50 -20.51
N LYS D 177 -24.41 1.82 -20.35
CA LYS D 177 -25.20 2.71 -21.17
C LYS D 177 -24.65 2.69 -22.58
N PHE D 178 -23.32 2.59 -22.70
CA PHE D 178 -22.72 2.53 -24.02
C PHE D 178 -23.17 1.24 -24.65
N SER D 179 -22.93 0.14 -23.97
CA SER D 179 -23.33 -1.14 -24.51
C SER D 179 -24.78 -1.13 -24.99
N GLN D 180 -25.69 -0.60 -24.18
CA GLN D 180 -27.09 -0.57 -24.55
C GLN D 180 -27.35 0.25 -25.82
N ILE D 181 -26.85 1.48 -25.86
CA ILE D 181 -27.03 2.34 -27.01
C ILE D 181 -26.46 1.72 -28.28
N PHE D 182 -25.20 1.31 -28.20
CA PHE D 182 -24.48 0.73 -29.33
C PHE D 182 -25.15 -0.56 -29.82
N LEU D 183 -25.61 -1.36 -28.88
CA LEU D 183 -26.26 -2.61 -29.22
C LEU D 183 -27.58 -2.32 -29.91
N ASN D 184 -28.23 -1.25 -29.47
CA ASN D 184 -29.51 -0.84 -30.02
C ASN D 184 -29.31 -0.25 -31.40
N GLY D 185 -28.10 0.26 -31.65
CA GLY D 185 -27.77 0.85 -32.94
C GLY D 185 -27.70 -0.20 -34.03
N LEU D 186 -27.70 -1.46 -33.63
CA LEU D 186 -27.69 -2.56 -34.57
C LEU D 186 -29.12 -3.09 -34.58
N SER D 187 -29.62 -3.48 -35.76
CA SER D 187 -31.00 -3.95 -35.83
C SER D 187 -31.16 -5.29 -36.56
#